data_6ATT
#
_entry.id   6ATT
#
_cell.length_a   67.327
_cell.length_b   108.172
_cell.length_c   348.308
_cell.angle_alpha   90.00
_cell.angle_beta   90.00
_cell.angle_gamma   90.00
#
_symmetry.space_group_name_H-M   'P 21 21 21'
#
loop_
_entity.id
_entity.type
_entity.pdbx_description
1 polymer 'Receptor tyrosine-protein kinase erbB-2'
2 polymer 'Antibody 39S Fab heavy chain'
3 polymer 'Antibody 39S Fab light chain'
4 branched 2-acetamido-2-deoxy-beta-D-glucopyranose-(1-4)-2-acetamido-2-deoxy-beta-D-glucopyranose
5 non-polymer 2-acetamido-2-deoxy-beta-D-glucopyranose
#
loop_
_entity_poly.entity_id
_entity_poly.type
_entity_poly.pdbx_seq_one_letter_code
_entity_poly.pdbx_strand_id
1 'polypeptide(L)'
;TQVCTGTDMKLRLPASPETHLDMLRHLYQGCQVVQGNLELTYLPTNASLSFLQDIQEVQGYVLIAHNQVRQVPLQRLRIV
RGTQLFEDNYALAVLDNGDPLNNTTPVTGASPGGLRELQLRSLTEILKGGVLIQRNPQLCYQDTILWKDIFHKNNQLALT
LIDTNRSRACHPCSPMCKGSRCWGESSEDCQSLTRTVCAGGCARCKGPLPTDCCHEQCAAGCTGPKHSDCLACLHFNHSG
ICELHCPALVTYNTDTFESMPNPEGRYTFGASCVTACPYNYLSTDVGSCTLVCPLHNQEVTAEDGTQRCEKCSKPCARVC
YGLGMEHLREVRAVTSANIQEFAGCKKIFGSLAFLPESFDGDPASNTAPLQPEQLQVFETLEEITGYLYISAWPDSLPDL
SVFQNLQVIRGRILHNGAYSLTLQGLGISWLGLRSLRELGSGLALIHHNTHLCFVHTVPWDQLFRNPHQALLHTANRPED
ECVGEGLACHQLCARGHCWGPGPTQCVNCSQFLRGQECVEECRVLQGLPREYVNARHCLPCHPECQPQNGSVTCFGPEAD
QCVACAHYKDPPFCVARCPSGVKPDLSYMPIWKFPDEEGACQPCPINCTHSCVDLDDKGCPAEQRASPLT
;
A
2 'polypeptide(L)'
;EVQLVESGGGLVKPGGSLRLSCAASGFTFSSYSMSWVRQAPGKGLEWVSSISSSSSYIYYADSVKGRFTISRDNAKNSLY
LQMNSLRAEDTAVYYCARGGDAYNYYYFDYWGQGTLVTVSSASTKGPSVFPLAPSSKSTSGGTAALGCLVKDYFPEPVTV
SWNSGALTSGVHTFPAVLQSSGLYSLSSVVTVPSSSLGTQTYICNVNHKPSNTKVDKRVEPKSC
;
H
3 'polypeptide(L)'
;DIVMTQTPLSLSVTPGQPASISCKSSQSVFFRSNNKNILAWYLQKPGQPPQLLIYWASSRESGVPDRFSGSGSGTDFTLK
ISRVEAEDVGVYYCQQYFGSPFTFGPGTKVDIKRTVAAPSVFIFPPSDEQLKSGTASVVCLLNNFYPREAKVQWKVDNAL
QSGNSQESVTEQDSKDSTYSLSSTLTLSKADYEKHKVYACEVTHQGLSSPVTKSFNRGEC
;
L
#
loop_
_chem_comp.id
_chem_comp.type
_chem_comp.name
_chem_comp.formula
NAG D-saccharide, beta linking 2-acetamido-2-deoxy-beta-D-glucopyranose 'C8 H15 N O6'
#
# COMPACT_ATOMS: atom_id res chain seq x y z
N THR A 1 -12.34 5.62 22.86
CA THR A 1 -12.56 6.88 22.07
C THR A 1 -11.88 6.83 20.66
N GLN A 2 -12.53 7.46 19.67
CA GLN A 2 -11.99 7.61 18.33
C GLN A 2 -10.84 8.63 18.29
N VAL A 3 -11.17 9.90 18.55
CA VAL A 3 -10.27 11.06 18.37
C VAL A 3 -9.90 11.68 19.72
N CYS A 4 -8.76 12.36 19.75
CA CYS A 4 -8.34 13.21 20.88
C CYS A 4 -7.61 14.46 20.41
N THR A 5 -7.52 15.41 21.32
CA THR A 5 -6.83 16.66 21.06
C THR A 5 -5.41 16.53 21.59
N GLY A 6 -4.48 17.15 20.87
CA GLY A 6 -3.06 17.10 21.20
C GLY A 6 -2.68 18.31 22.02
N THR A 7 -1.39 18.70 21.92
CA THR A 7 -0.84 19.80 22.71
C THR A 7 0.02 20.74 21.87
N ASP A 8 0.61 21.73 22.54
CA ASP A 8 1.47 22.75 21.93
C ASP A 8 2.34 23.41 23.02
N MET A 9 3.07 22.57 23.77
CA MET A 9 3.97 23.01 24.87
C MET A 9 5.41 23.17 24.40
N LYS A 10 5.90 22.26 23.55
CA LYS A 10 7.01 22.54 22.67
C LYS A 10 8.31 22.90 23.42
N LEU A 11 8.92 21.89 24.04
CA LEU A 11 10.21 22.04 24.77
C LEU A 11 10.18 22.92 26.03
N ARG A 12 9.02 23.12 26.66
CA ARG A 12 8.93 23.94 27.88
C ARG A 12 8.76 23.07 29.11
N LEU A 13 9.60 23.31 30.10
CA LEU A 13 9.64 22.52 31.31
C LEU A 13 8.27 22.63 31.99
N PRO A 14 7.54 21.50 32.14
CA PRO A 14 6.16 21.64 32.62
C PRO A 14 6.16 22.10 34.06
N ALA A 15 5.39 23.15 34.34
CA ALA A 15 5.45 23.88 35.61
C ALA A 15 5.08 23.06 36.89
N SER A 16 4.48 21.89 36.72
CA SER A 16 4.40 20.87 37.78
C SER A 16 4.59 19.49 37.13
N PRO A 17 5.80 18.93 37.21
CA PRO A 17 6.06 17.61 36.61
C PRO A 17 5.32 16.40 37.22
N GLU A 18 4.75 16.54 38.42
CA GLU A 18 4.11 15.42 39.15
C GLU A 18 2.75 15.10 38.52
N THR A 19 2.08 16.16 38.09
CA THR A 19 0.91 16.13 37.20
C THR A 19 1.16 15.52 35.80
N HIS A 20 2.30 15.92 35.20
CA HIS A 20 2.59 15.74 33.76
C HIS A 20 2.26 14.35 33.20
N LEU A 21 2.56 13.29 33.95
CA LEU A 21 2.19 11.94 33.52
C LEU A 21 0.66 11.75 33.46
N ASP A 22 -0.04 12.16 34.53
CA ASP A 22 -1.54 12.13 34.56
C ASP A 22 -2.21 12.86 33.37
N MET A 23 -1.66 14.03 33.01
CA MET A 23 -2.16 14.81 31.87
C MET A 23 -2.08 14.05 30.54
N LEU A 24 -0.93 13.44 30.31
CA LEU A 24 -0.69 12.66 29.10
C LEU A 24 -1.63 11.46 29.02
N ARG A 25 -1.86 10.79 30.14
CA ARG A 25 -2.79 9.67 30.16
C ARG A 25 -4.22 10.13 29.84
N HIS A 26 -4.75 11.07 30.63
CA HIS A 26 -6.11 11.59 30.42
C HIS A 26 -6.36 12.02 28.98
N LEU A 27 -5.35 12.65 28.38
CA LEU A 27 -5.41 13.25 27.04
C LEU A 27 -5.34 12.26 25.87
N TYR A 28 -4.36 11.34 25.89
CA TYR A 28 -4.09 10.42 24.78
C TYR A 28 -4.61 8.97 24.94
N GLN A 29 -5.10 8.57 26.12
CA GLN A 29 -5.56 7.18 26.34
C GLN A 29 -6.77 6.85 25.49
N GLY A 30 -6.86 5.60 25.05
CA GLY A 30 -7.97 5.19 24.19
C GLY A 30 -7.93 5.71 22.76
N CYS A 31 -7.26 6.84 22.53
CA CYS A 31 -7.43 7.63 21.30
C CYS A 31 -6.57 7.11 20.14
N GLN A 32 -7.11 7.25 18.93
CA GLN A 32 -6.51 6.72 17.68
C GLN A 32 -6.04 7.78 16.68
N VAL A 33 -6.64 8.97 16.70
CA VAL A 33 -6.25 10.06 15.82
C VAL A 33 -5.95 11.27 16.67
N VAL A 34 -4.67 11.55 16.88
CA VAL A 34 -4.28 12.70 17.67
C VAL A 34 -4.38 13.91 16.79
N GLN A 35 -5.44 14.69 16.99
CA GLN A 35 -5.60 15.97 16.35
C GLN A 35 -4.84 17.00 17.16
N GLY A 36 -3.93 17.73 16.53
CA GLY A 36 -2.92 18.52 17.23
C GLY A 36 -1.56 17.86 17.12
N ASN A 37 -0.66 18.20 18.02
CA ASN A 37 0.72 17.69 17.99
C ASN A 37 0.94 16.73 19.16
N LEU A 38 1.53 15.58 18.86
CA LEU A 38 1.83 14.58 19.88
C LEU A 38 3.15 14.97 20.55
N GLU A 39 3.08 15.56 21.74
CA GLU A 39 4.29 16.00 22.46
C GLU A 39 4.56 15.25 23.76
N LEU A 40 5.54 14.35 23.66
CA LEU A 40 6.02 13.55 24.78
C LEU A 40 7.35 14.17 25.24
N THR A 41 7.29 14.98 26.30
CA THR A 41 8.48 15.69 26.80
C THR A 41 8.70 15.48 28.30
N TYR A 42 9.98 15.64 28.70
CA TYR A 42 10.44 15.56 30.08
C TYR A 42 9.87 14.37 30.84
N LEU A 43 9.89 13.21 30.18
CA LEU A 43 9.35 11.99 30.76
C LEU A 43 10.46 11.20 31.47
N PRO A 44 10.18 10.70 32.70
CA PRO A 44 11.17 9.92 33.46
C PRO A 44 11.38 8.50 32.92
N THR A 45 12.41 7.82 33.46
CA THR A 45 12.78 6.46 33.05
C THR A 45 11.63 5.49 33.17
N ASN A 46 11.02 5.49 34.35
CA ASN A 46 10.04 4.48 34.70
C ASN A 46 8.70 4.62 33.95
N ALA A 47 8.25 5.87 33.79
CA ALA A 47 7.01 6.25 33.10
C ALA A 47 6.23 5.15 32.35
N SER A 48 5.06 4.74 32.86
CA SER A 48 4.17 3.81 32.13
C SER A 48 3.52 4.53 30.95
N LEU A 49 3.85 4.15 29.71
CA LEU A 49 3.32 4.80 28.50
C LEU A 49 2.39 3.92 27.66
N SER A 50 1.71 2.96 28.30
CA SER A 50 0.80 2.03 27.60
C SER A 50 -0.43 2.70 27.01
N PHE A 51 -0.77 3.87 27.54
CA PHE A 51 -1.83 4.71 26.98
C PHE A 51 -1.57 5.25 25.55
N LEU A 52 -0.32 5.28 25.13
CA LEU A 52 0.01 5.65 23.75
C LEU A 52 -0.18 4.54 22.73
N GLN A 53 -0.31 3.27 23.17
CA GLN A 53 -0.56 2.09 22.30
C GLN A 53 -1.38 2.33 21.02
N ASP A 54 -2.62 2.76 21.20
CA ASP A 54 -3.63 2.84 20.12
C ASP A 54 -3.45 4.00 19.11
N ILE A 55 -2.44 4.87 19.28
CA ILE A 55 -2.26 5.99 18.37
C ILE A 55 -1.87 5.49 16.98
N GLN A 56 -2.72 5.82 16.01
CA GLN A 56 -2.55 5.46 14.60
C GLN A 56 -2.22 6.65 13.70
N GLU A 57 -2.59 7.85 14.12
CA GLU A 57 -2.55 9.02 13.26
C GLU A 57 -2.16 10.24 14.09
N VAL A 58 -1.29 11.08 13.53
CA VAL A 58 -0.99 12.37 14.12
C VAL A 58 -1.22 13.44 13.06
N GLN A 59 -2.13 14.36 13.36
CA GLN A 59 -2.48 15.48 12.49
C GLN A 59 -1.25 16.37 12.30
N GLY A 60 -0.62 16.76 13.40
CA GLY A 60 0.48 17.72 13.38
C GLY A 60 1.87 17.12 13.34
N TYR A 61 2.69 17.50 14.33
CA TYR A 61 4.06 16.97 14.50
C TYR A 61 4.22 16.14 15.76
N VAL A 62 5.27 15.32 15.73
CA VAL A 62 5.57 14.35 16.75
C VAL A 62 6.89 14.79 17.37
N LEU A 63 6.87 15.14 18.66
CA LEU A 63 8.05 15.63 19.38
C LEU A 63 8.32 14.75 20.58
N ILE A 64 9.43 14.02 20.50
CA ILE A 64 9.92 13.19 21.58
C ILE A 64 11.23 13.79 22.07
N ALA A 65 11.21 14.45 23.23
CA ALA A 65 12.35 15.25 23.68
C ALA A 65 12.59 15.23 25.21
N HIS A 66 13.86 15.34 25.61
CA HIS A 66 14.30 15.36 27.02
C HIS A 66 13.70 14.22 27.85
N ASN A 67 13.67 13.03 27.26
CA ASN A 67 13.07 11.86 27.90
C ASN A 67 14.13 10.84 28.29
N GLN A 68 14.14 10.49 29.59
CA GLN A 68 14.94 9.37 30.11
C GLN A 68 14.32 7.98 29.81
N VAL A 69 13.22 7.92 29.06
CA VAL A 69 12.50 6.66 28.87
C VAL A 69 13.28 5.74 27.94
N ARG A 70 13.25 4.44 28.27
CA ARG A 70 13.98 3.39 27.55
C ARG A 70 13.43 3.21 26.14
N GLN A 71 12.10 3.21 26.01
CA GLN A 71 11.41 3.20 24.70
C GLN A 71 9.96 3.72 24.79
N VAL A 72 9.51 4.34 23.70
CA VAL A 72 8.15 4.86 23.59
C VAL A 72 7.39 3.93 22.63
N PRO A 73 6.22 3.43 23.04
CA PRO A 73 5.49 2.44 22.23
C PRO A 73 4.50 3.03 21.20
N LEU A 74 5.02 3.71 20.17
CA LEU A 74 4.19 4.28 19.09
C LEU A 74 4.14 3.31 17.90
N GLN A 75 3.94 2.04 18.20
CA GLN A 75 4.11 0.98 17.21
C GLN A 75 3.00 0.96 16.16
N ARG A 76 1.77 1.25 16.59
CA ARG A 76 0.61 1.32 15.68
C ARG A 76 0.53 2.61 14.83
N LEU A 77 1.32 3.63 15.17
CA LEU A 77 1.35 4.91 14.44
C LEU A 77 1.71 4.70 12.98
N ARG A 78 0.76 5.04 12.09
CA ARG A 78 0.89 4.85 10.64
C ARG A 78 1.15 6.11 9.81
N ILE A 79 0.84 7.31 10.32
CA ILE A 79 0.99 8.53 9.52
C ILE A 79 1.09 9.76 10.41
N VAL A 80 1.93 10.71 10.01
CA VAL A 80 1.83 12.07 10.52
C VAL A 80 1.59 12.99 9.30
N ARG A 81 0.54 13.80 9.36
CA ARG A 81 0.18 14.69 8.26
C ARG A 81 1.01 15.98 8.23
N GLY A 82 1.59 16.35 9.37
CA GLY A 82 2.46 17.51 9.45
C GLY A 82 1.72 18.81 9.30
N THR A 83 0.48 18.86 9.81
CA THR A 83 -0.41 20.02 9.74
C THR A 83 0.31 21.31 10.19
N GLN A 84 1.04 21.24 11.31
CA GLN A 84 2.13 22.21 11.59
C GLN A 84 3.37 21.37 11.85
N LEU A 85 4.50 22.05 11.93
CA LEU A 85 5.83 21.41 12.02
C LEU A 85 6.69 22.03 13.11
N PHE A 86 7.40 21.20 13.87
CA PHE A 86 8.33 21.70 14.89
C PHE A 86 9.49 22.46 14.21
N GLU A 87 9.87 23.60 14.80
CA GLU A 87 10.95 24.48 14.28
C GLU A 87 10.78 24.72 12.77
N ASP A 88 9.58 25.12 12.35
CA ASP A 88 9.24 25.41 10.92
C ASP A 88 9.27 24.25 9.93
N ASN A 89 10.13 23.25 10.12
CA ASN A 89 10.49 22.29 9.08
C ASN A 89 10.30 20.80 9.42
N TYR A 90 10.12 20.45 10.69
CA TYR A 90 10.27 19.05 11.11
C TYR A 90 8.97 18.43 11.59
N ALA A 91 8.49 17.41 10.89
CA ALA A 91 7.28 16.67 11.26
C ALA A 91 7.52 15.68 12.38
N LEU A 92 8.72 15.11 12.42
CA LEU A 92 9.15 14.22 13.50
C LEU A 92 10.41 14.83 14.10
N ALA A 93 10.45 14.94 15.42
CA ALA A 93 11.61 15.49 16.13
C ALA A 93 11.96 14.66 17.37
N VAL A 94 13.12 14.00 17.35
CA VAL A 94 13.62 13.20 18.48
C VAL A 94 14.89 13.86 19.03
N LEU A 95 14.75 14.65 20.10
CA LEU A 95 15.84 15.48 20.63
C LEU A 95 16.19 15.19 22.09
N ASP A 96 17.48 15.00 22.38
CA ASP A 96 18.02 15.05 23.74
C ASP A 96 17.46 14.00 24.72
N ASN A 97 17.17 12.82 24.20
CA ASN A 97 16.65 11.71 25.00
C ASN A 97 17.82 10.83 25.49
N GLY A 98 18.58 11.36 26.44
CA GLY A 98 19.75 10.67 27.02
C GLY A 98 19.82 10.76 28.53
N ASP A 99 21.01 10.47 29.07
CA ASP A 99 21.26 10.55 30.52
C ASP A 99 22.16 11.74 30.93
N PRO A 100 22.46 12.70 30.00
CA PRO A 100 23.65 13.56 30.09
C PRO A 100 24.84 13.02 30.97
N LEU A 101 25.17 13.64 32.12
CA LEU A 101 26.05 13.07 33.19
C LEU A 101 26.35 11.57 33.07
N ALA A 110 18.68 -3.21 35.79
CA ALA A 110 18.79 -1.96 35.06
C ALA A 110 20.21 -1.34 35.12
N SER A 111 20.47 -0.41 34.19
CA SER A 111 21.71 0.39 34.16
C SER A 111 21.43 1.73 33.45
N PRO A 112 21.68 1.85 32.11
CA PRO A 112 21.45 3.19 31.56
C PRO A 112 19.96 3.50 31.30
N GLY A 113 19.69 4.79 31.11
CA GLY A 113 18.41 5.27 30.60
C GLY A 113 18.60 5.92 29.23
N GLY A 114 17.57 6.63 28.78
CA GLY A 114 17.56 7.31 27.48
C GLY A 114 17.02 6.45 26.35
N LEU A 115 16.56 7.11 25.28
CA LEU A 115 15.87 6.44 24.17
C LEU A 115 16.79 5.48 23.40
N ARG A 116 16.40 4.21 23.38
CA ARG A 116 17.21 3.12 22.83
C ARG A 116 16.82 2.77 21.39
N GLU A 117 15.59 2.27 21.23
CA GLU A 117 15.04 1.89 19.93
C GLU A 117 13.81 2.74 19.64
N LEU A 118 13.66 3.20 18.39
CA LEU A 118 12.53 4.09 18.02
C LEU A 118 11.17 3.37 18.01
N GLN A 119 11.15 2.17 17.41
CA GLN A 119 9.98 1.27 17.38
C GLN A 119 8.76 1.81 16.64
N LEU A 120 8.99 2.50 15.52
CA LEU A 120 7.89 2.99 14.66
C LEU A 120 7.67 1.97 13.55
N ARG A 121 7.15 0.80 13.95
CA ARG A 121 6.98 -0.34 13.04
C ARG A 121 6.09 0.00 11.88
N SER A 122 4.99 0.71 12.17
CA SER A 122 3.94 0.97 11.20
C SER A 122 4.04 2.31 10.50
N LEU A 123 4.87 3.24 11.04
CA LEU A 123 4.99 4.60 10.48
C LEU A 123 5.42 4.60 9.03
N THR A 124 4.46 4.40 8.15
CA THR A 124 4.71 4.34 6.74
C THR A 124 4.85 5.73 6.13
N GLU A 125 4.15 6.73 6.69
CA GLU A 125 3.84 8.00 5.99
C GLU A 125 4.15 9.30 6.75
N ILE A 126 4.77 10.26 6.05
CA ILE A 126 4.94 11.65 6.52
C ILE A 126 4.66 12.60 5.34
N LEU A 127 3.45 13.17 5.31
CA LEU A 127 2.99 13.97 4.17
C LEU A 127 3.86 15.22 3.99
N LYS A 128 3.86 16.07 5.02
CA LYS A 128 4.63 17.30 5.03
C LYS A 128 5.69 17.20 6.10
N GLY A 129 6.81 17.87 5.84
CA GLY A 129 7.85 18.05 6.83
C GLY A 129 8.98 17.07 6.69
N GLY A 130 10.00 17.29 7.52
CA GLY A 130 11.20 16.46 7.55
C GLY A 130 11.36 15.79 8.89
N VAL A 131 12.56 15.24 9.11
CA VAL A 131 12.91 14.51 10.33
C VAL A 131 14.14 15.16 10.99
N LEU A 132 14.15 15.17 12.33
CA LEU A 132 15.25 15.73 13.13
C LEU A 132 15.56 14.83 14.32
N ILE A 133 16.66 14.08 14.23
CA ILE A 133 17.05 13.18 15.33
C ILE A 133 18.46 13.54 15.81
N GLN A 134 18.56 14.14 16.98
CA GLN A 134 19.86 14.55 17.51
C GLN A 134 20.02 14.29 18.99
N ARG A 135 21.27 14.10 19.40
CA ARG A 135 21.66 14.02 20.81
C ARG A 135 20.91 12.95 21.57
N ASN A 136 20.88 11.75 20.99
CA ASN A 136 20.23 10.59 21.58
C ASN A 136 21.29 9.51 21.76
N PRO A 137 22.07 9.57 22.87
CA PRO A 137 23.27 8.73 22.94
C PRO A 137 23.08 7.22 23.22
N GLN A 138 21.84 6.71 23.23
CA GLN A 138 21.58 5.26 23.15
C GLN A 138 20.70 4.86 21.96
N LEU A 139 20.43 5.80 21.06
CA LEU A 139 19.52 5.56 19.96
C LEU A 139 20.21 4.84 18.82
N CYS A 140 19.65 3.70 18.44
CA CYS A 140 20.15 2.89 17.34
C CYS A 140 19.12 2.79 16.24
N TYR A 141 19.58 2.39 15.05
CA TYR A 141 18.79 2.13 13.86
C TYR A 141 18.19 3.38 13.21
N GLN A 142 18.35 4.50 13.89
CA GLN A 142 17.99 5.81 13.35
C GLN A 142 18.69 5.92 12.00
N ASP A 143 19.91 5.35 11.95
CA ASP A 143 20.75 5.37 10.80
C ASP A 143 20.18 4.58 9.62
N THR A 144 19.69 3.40 9.93
CA THR A 144 19.41 2.36 8.94
C THR A 144 18.27 2.66 7.97
N ILE A 145 17.26 3.37 8.49
CA ILE A 145 16.00 3.60 7.80
C ILE A 145 16.22 4.37 6.49
N LEU A 146 15.51 3.97 5.44
CA LEU A 146 15.40 4.77 4.24
C LEU A 146 14.25 5.74 4.48
N TRP A 147 14.60 6.96 4.91
CA TRP A 147 13.63 8.00 5.24
C TRP A 147 12.94 8.52 4.01
N LYS A 148 13.73 8.69 2.95
CA LYS A 148 13.22 9.01 1.62
C LYS A 148 11.94 8.23 1.28
N ASP A 149 11.87 6.95 1.65
CA ASP A 149 10.67 6.14 1.41
C ASP A 149 9.48 6.59 2.22
N ILE A 150 9.72 7.06 3.46
CA ILE A 150 8.64 7.45 4.38
C ILE A 150 8.02 8.78 4.02
N PHE A 151 8.82 9.71 3.51
CA PHE A 151 8.27 10.99 3.07
C PHE A 151 7.34 10.77 1.88
N HIS A 152 6.30 11.57 1.78
CA HIS A 152 5.40 11.54 0.62
C HIS A 152 6.13 12.10 -0.61
N LYS A 153 5.59 11.78 -1.77
CA LYS A 153 6.12 12.23 -3.07
C LYS A 153 6.07 13.76 -3.21
N ASN A 154 5.02 14.40 -2.67
CA ASN A 154 4.84 15.87 -2.82
C ASN A 154 5.87 16.75 -2.11
N ASN A 155 6.17 16.41 -0.82
CA ASN A 155 7.12 17.20 0.01
C ASN A 155 8.63 16.91 -0.20
N GLN A 156 8.96 15.63 -0.28
CA GLN A 156 10.31 15.07 -0.52
C GLN A 156 11.54 16.04 -0.59
N LEU A 157 11.34 17.34 -0.74
CA LEU A 157 12.37 18.34 -0.39
C LEU A 157 12.72 18.11 1.09
N ALA A 158 11.69 17.74 1.87
CA ALA A 158 11.77 17.14 3.22
C ALA A 158 13.18 16.67 3.59
N LEU A 159 13.92 17.60 4.19
CA LEU A 159 15.30 17.36 4.60
C LEU A 159 15.30 16.52 5.88
N THR A 160 16.45 15.90 6.11
CA THR A 160 16.67 15.14 7.31
C THR A 160 17.94 15.73 7.93
N LEU A 161 18.03 15.62 9.26
CA LEU A 161 19.27 15.88 9.98
C LEU A 161 19.36 14.88 11.12
N ILE A 162 20.05 13.79 10.83
CA ILE A 162 20.24 12.71 11.77
C ILE A 162 21.67 12.73 12.33
N ASP A 163 21.77 12.85 13.65
CA ASP A 163 23.03 12.67 14.38
C ASP A 163 23.10 11.22 14.84
N THR A 164 24.30 10.66 14.71
CA THR A 164 24.57 9.23 14.89
C THR A 164 25.49 8.91 16.09
N ASN A 165 25.88 9.92 16.88
CA ASN A 165 26.72 9.71 18.05
C ASN A 165 26.04 8.82 19.09
N ARG A 166 26.79 7.85 19.62
CA ARG A 166 26.28 6.90 20.61
C ARG A 166 27.29 6.69 21.74
N SER A 167 26.81 6.07 22.82
CA SER A 167 27.66 5.53 23.89
C SER A 167 27.61 3.99 23.99
N ARG A 168 26.81 3.35 23.14
CA ARG A 168 26.92 1.91 22.84
C ARG A 168 26.92 1.72 21.33
N ALA A 169 27.78 0.85 20.80
CA ALA A 169 27.63 0.37 19.42
C ALA A 169 26.48 -0.64 19.43
N CYS A 170 25.78 -0.78 18.31
CA CYS A 170 24.49 -1.48 18.24
C CYS A 170 24.61 -2.88 17.64
N HIS A 171 23.59 -3.73 17.85
CA HIS A 171 23.45 -4.99 17.10
C HIS A 171 23.20 -4.64 15.63
N PRO A 172 23.38 -5.62 14.71
CA PRO A 172 22.75 -5.47 13.40
C PRO A 172 21.26 -5.82 13.49
N CYS A 173 20.50 -5.42 12.47
CA CYS A 173 19.07 -5.77 12.41
C CYS A 173 18.95 -7.26 12.21
N SER A 174 17.82 -7.84 12.63
CA SER A 174 17.56 -9.27 12.38
C SER A 174 17.70 -9.53 10.88
N PRO A 175 18.55 -10.53 10.48
CA PRO A 175 18.77 -10.78 9.05
C PRO A 175 17.51 -10.96 8.15
N MET A 176 16.34 -11.21 8.75
CA MET A 176 15.01 -11.19 8.06
C MET A 176 14.71 -9.92 7.20
N CYS A 177 15.25 -8.78 7.60
CA CYS A 177 15.12 -7.54 6.84
C CYS A 177 15.93 -7.60 5.55
N LYS A 178 15.42 -6.94 4.53
CA LYS A 178 15.96 -6.98 3.16
C LYS A 178 17.35 -6.32 3.03
N GLY A 179 17.40 -4.99 3.15
CA GLY A 179 18.64 -4.28 3.50
C GLY A 179 18.75 -4.29 5.01
N SER A 180 19.82 -3.72 5.55
CA SER A 180 19.85 -3.43 6.99
C SER A 180 18.98 -2.19 7.19
N ARG A 181 17.68 -2.40 7.38
CA ARG A 181 16.68 -1.34 7.60
C ARG A 181 15.68 -1.78 8.64
N CYS A 182 15.78 -1.21 9.85
CA CYS A 182 14.91 -1.59 10.94
C CYS A 182 14.71 -0.46 11.96
N TRP A 183 13.62 -0.59 12.72
CA TRP A 183 13.32 0.30 13.84
C TRP A 183 13.86 -0.25 15.17
N GLY A 184 14.22 -1.53 15.18
CA GLY A 184 14.83 -2.19 16.35
C GLY A 184 15.45 -3.54 16.00
N GLU A 185 16.15 -4.12 16.97
CA GLU A 185 16.83 -5.42 16.79
C GLU A 185 15.90 -6.61 16.49
N SER A 186 14.63 -6.53 16.91
CA SER A 186 13.62 -7.55 16.59
C SER A 186 13.37 -7.69 15.09
N SER A 187 12.93 -8.90 14.71
CA SER A 187 12.57 -9.22 13.32
C SER A 187 11.29 -8.50 12.88
N GLU A 188 10.36 -8.31 13.83
CA GLU A 188 9.11 -7.61 13.55
C GLU A 188 9.27 -6.09 13.34
N ASP A 189 10.48 -5.54 13.47
CA ASP A 189 10.76 -4.11 13.21
C ASP A 189 11.42 -3.79 11.88
N CYS A 190 11.34 -4.68 10.89
CA CYS A 190 11.90 -4.37 9.55
C CYS A 190 11.05 -3.31 8.86
N GLN A 191 11.73 -2.32 8.27
CA GLN A 191 11.06 -1.18 7.62
C GLN A 191 10.55 -1.57 6.23
N SER A 192 9.36 -2.15 6.14
CA SER A 192 8.80 -2.52 4.84
C SER A 192 8.53 -1.27 3.99
N LEU A 193 8.98 -1.26 2.74
CA LEU A 193 8.90 -0.08 1.87
C LEU A 193 7.56 0.03 1.20
N THR A 194 7.31 1.22 0.66
CA THR A 194 5.99 1.60 0.16
C THR A 194 6.02 2.48 -1.06
N ARG A 195 6.86 3.52 -1.05
CA ARG A 195 6.89 4.56 -2.09
C ARG A 195 7.96 4.31 -3.13
N THR A 196 9.18 4.05 -2.66
CA THR A 196 10.35 4.07 -3.53
C THR A 196 10.52 2.80 -4.40
N VAL A 197 9.62 1.83 -4.22
CA VAL A 197 9.69 0.50 -4.85
C VAL A 197 8.68 0.28 -5.99
N CYS A 198 7.65 1.12 -6.06
CA CYS A 198 6.47 0.83 -6.87
C CYS A 198 6.68 0.91 -8.38
N ALA A 199 5.68 0.40 -9.08
CA ALA A 199 5.64 0.43 -10.54
C ALA A 199 5.13 1.79 -10.95
N GLY A 200 5.67 2.30 -12.05
CA GLY A 200 5.28 3.61 -12.55
C GLY A 200 5.64 4.68 -11.53
N GLY A 201 4.84 5.74 -11.52
CA GLY A 201 4.98 6.83 -10.56
C GLY A 201 3.89 6.72 -9.53
N CYS A 202 3.82 5.56 -8.89
CA CYS A 202 2.72 5.25 -7.98
C CYS A 202 2.83 6.09 -6.75
N ALA A 203 1.68 6.56 -6.28
CA ALA A 203 1.62 7.33 -5.05
C ALA A 203 2.27 6.50 -3.93
N ARG A 204 1.75 5.29 -3.73
CA ARG A 204 2.26 4.28 -2.79
C ARG A 204 1.73 2.88 -3.15
N CYS A 205 2.35 1.85 -2.58
CA CYS A 205 2.00 0.48 -2.92
C CYS A 205 2.30 -0.53 -1.82
N LYS A 206 1.67 -1.70 -1.96
CA LYS A 206 1.87 -2.85 -1.07
C LYS A 206 2.92 -3.85 -1.61
N GLY A 207 3.37 -3.61 -2.83
CA GLY A 207 4.38 -4.44 -3.49
C GLY A 207 4.86 -3.77 -4.78
N PRO A 208 5.92 -4.32 -5.39
CA PRO A 208 6.56 -3.66 -6.51
C PRO A 208 5.82 -3.77 -7.85
N LEU A 209 4.71 -4.52 -7.90
CA LEU A 209 4.00 -4.81 -9.14
C LEU A 209 2.85 -3.84 -9.38
N PRO A 210 2.30 -3.82 -10.60
CA PRO A 210 1.12 -3.03 -10.92
C PRO A 210 -0.17 -3.34 -10.13
N THR A 211 -0.55 -4.61 -9.95
CA THR A 211 -1.74 -4.94 -9.11
C THR A 211 -1.51 -4.47 -7.69
N ASP A 212 -0.25 -4.46 -7.27
CA ASP A 212 0.13 -4.05 -5.94
C ASP A 212 0.03 -2.50 -5.70
N CYS A 213 -0.25 -1.70 -6.74
CA CYS A 213 -0.41 -0.23 -6.56
C CYS A 213 -1.68 0.16 -5.82
N CYS A 214 -1.56 1.15 -4.93
CA CYS A 214 -2.69 1.67 -4.15
C CYS A 214 -3.48 2.73 -4.87
N HIS A 215 -4.71 2.93 -4.40
CA HIS A 215 -5.59 3.97 -4.94
C HIS A 215 -4.95 5.35 -4.74
N GLU A 216 -5.28 6.27 -5.64
CA GLU A 216 -4.76 7.64 -5.61
C GLU A 216 -4.98 8.32 -4.25
N GLN A 217 -6.09 8.00 -3.60
CA GLN A 217 -6.52 8.64 -2.36
C GLN A 217 -6.05 7.95 -1.07
N CYS A 218 -5.31 6.83 -1.19
CA CYS A 218 -4.72 6.18 -0.02
C CYS A 218 -3.48 6.95 0.38
N ALA A 219 -3.04 6.77 1.62
CA ALA A 219 -1.95 7.58 2.17
C ALA A 219 -0.78 6.74 2.66
N ALA A 220 -0.99 5.94 3.69
CA ALA A 220 0.12 5.22 4.32
C ALA A 220 0.38 3.84 3.69
N GLY A 221 0.05 3.67 2.40
CA GLY A 221 -0.03 2.35 1.77
C GLY A 221 -1.44 1.78 1.77
N CYS A 222 -1.57 0.49 1.46
CA CYS A 222 -2.89 -0.14 1.37
C CYS A 222 -2.81 -1.66 1.42
N THR A 223 -3.97 -2.31 1.42
CA THR A 223 -4.08 -3.75 1.36
C THR A 223 -4.87 -4.17 0.13
N GLY A 224 -4.73 -3.42 -0.96
CA GLY A 224 -5.53 -3.64 -2.16
C GLY A 224 -5.83 -2.34 -2.91
N PRO A 225 -6.22 -2.48 -4.17
CA PRO A 225 -6.36 -1.33 -5.08
C PRO A 225 -7.55 -0.42 -4.80
N LYS A 226 -8.56 -0.91 -4.08
CA LYS A 226 -9.81 -0.16 -3.87
C LYS A 226 -9.61 1.05 -3.00
N HIS A 227 -10.50 2.04 -3.17
CA HIS A 227 -10.53 3.23 -2.30
C HIS A 227 -11.03 2.95 -0.88
N SER A 228 -11.59 1.78 -0.63
CA SER A 228 -11.82 1.30 0.73
C SER A 228 -10.53 0.87 1.42
N ASP A 229 -9.67 0.15 0.70
CA ASP A 229 -8.55 -0.65 1.26
C ASP A 229 -7.33 0.14 1.77
N CYS A 230 -7.46 1.45 1.99
CA CYS A 230 -6.32 2.28 2.34
C CYS A 230 -5.99 2.18 3.82
N LEU A 231 -4.69 2.12 4.13
CA LEU A 231 -4.20 2.14 5.50
C LEU A 231 -4.42 3.50 6.14
N ALA A 232 -4.48 4.54 5.32
CA ALA A 232 -5.00 5.83 5.73
C ALA A 232 -5.38 6.59 4.48
N CYS A 233 -6.35 7.52 4.61
CA CYS A 233 -6.74 8.36 3.49
C CYS A 233 -5.83 9.57 3.38
N LEU A 234 -5.60 9.98 2.14
CA LEU A 234 -4.80 11.15 1.84
C LEU A 234 -5.54 12.39 2.30
N HIS A 235 -6.82 12.46 1.94
CA HIS A 235 -7.62 13.65 2.18
C HIS A 235 -8.74 13.46 3.23
N PHE A 236 -9.72 12.59 2.95
CA PHE A 236 -10.83 12.36 3.90
C PHE A 236 -11.34 10.92 3.87
N ASN A 237 -11.67 10.38 5.04
CA ASN A 237 -12.43 9.13 5.19
C ASN A 237 -13.92 9.48 5.04
N HIS A 238 -14.55 9.09 3.93
CA HIS A 238 -16.01 9.29 3.74
C HIS A 238 -16.75 7.97 3.97
N SER A 239 -17.06 7.72 5.24
CA SER A 239 -17.88 6.59 5.66
C SER A 239 -17.27 5.21 5.28
N GLY A 240 -15.93 5.14 5.28
CA GLY A 240 -15.19 3.93 4.88
C GLY A 240 -14.41 4.00 3.57
N ILE A 241 -14.58 5.09 2.83
CA ILE A 241 -14.01 5.28 1.48
C ILE A 241 -13.16 6.54 1.48
N CYS A 242 -11.97 6.50 0.86
CA CYS A 242 -11.10 7.68 0.80
C CYS A 242 -11.40 8.56 -0.40
N GLU A 243 -11.70 9.82 -0.15
CA GLU A 243 -12.05 10.77 -1.22
C GLU A 243 -11.32 12.08 -1.02
N LEU A 244 -11.33 12.89 -2.06
CA LEU A 244 -10.63 14.17 -2.07
C LEU A 244 -11.44 15.30 -1.40
N HIS A 245 -12.77 15.19 -1.46
CA HIS A 245 -13.64 16.13 -0.76
C HIS A 245 -14.91 15.46 -0.26
N CYS A 246 -15.44 15.98 0.84
CA CYS A 246 -16.69 15.49 1.38
C CYS A 246 -17.86 15.99 0.53
N PRO A 247 -18.95 15.20 0.43
CA PRO A 247 -20.19 15.67 -0.16
C PRO A 247 -20.65 16.98 0.47
N ALA A 248 -20.84 18.01 -0.34
CA ALA A 248 -21.17 19.35 0.15
C ALA A 248 -22.53 19.38 0.81
N LEU A 249 -22.75 20.37 1.66
CA LEU A 249 -24.01 20.47 2.40
C LEU A 249 -25.18 20.95 1.53
N VAL A 250 -24.89 21.60 0.42
CA VAL A 250 -25.92 22.22 -0.42
C VAL A 250 -25.73 21.91 -1.92
N THR A 251 -26.71 21.24 -2.52
CA THR A 251 -26.81 21.13 -3.98
C THR A 251 -27.33 22.44 -4.52
N TYR A 252 -27.04 22.73 -5.79
CA TYR A 252 -27.66 23.89 -6.48
C TYR A 252 -28.57 23.47 -7.62
N ASN A 253 -29.60 24.28 -7.83
CA ASN A 253 -30.60 24.05 -8.87
C ASN A 253 -29.98 24.28 -10.25
N THR A 254 -30.54 23.61 -11.27
CA THR A 254 -30.10 23.77 -12.65
C THR A 254 -30.05 25.25 -13.07
N ASP A 255 -31.16 25.95 -12.84
CA ASP A 255 -31.35 27.34 -13.29
C ASP A 255 -31.17 28.42 -12.21
N THR A 256 -31.88 28.24 -11.09
CA THR A 256 -32.00 29.30 -10.07
C THR A 256 -30.76 29.48 -9.20
N PHE A 257 -30.05 28.38 -8.95
CA PHE A 257 -28.98 28.31 -7.94
C PHE A 257 -29.49 28.57 -6.50
N GLU A 258 -30.47 27.77 -6.10
CA GLU A 258 -31.04 27.84 -4.77
C GLU A 258 -30.56 26.69 -3.91
N SER A 259 -30.54 26.91 -2.59
CA SER A 259 -30.06 25.92 -1.63
C SER A 259 -30.99 24.71 -1.52
N MET A 260 -30.64 23.64 -2.21
CA MET A 260 -31.34 22.36 -2.07
C MET A 260 -30.48 21.49 -1.14
N PRO A 261 -30.84 21.41 0.16
CA PRO A 261 -29.96 20.74 1.15
C PRO A 261 -29.70 19.27 0.84
N ASN A 262 -28.42 18.89 0.79
CA ASN A 262 -28.00 17.56 0.40
C ASN A 262 -28.34 16.53 1.49
N PRO A 263 -29.22 15.57 1.19
CA PRO A 263 -29.51 14.52 2.17
C PRO A 263 -28.30 13.72 2.61
N GLU A 264 -27.36 13.48 1.69
CA GLU A 264 -26.12 12.73 1.98
C GLU A 264 -24.89 13.60 2.28
N GLY A 265 -25.10 14.89 2.55
CA GLY A 265 -24.02 15.86 2.74
C GLY A 265 -23.33 15.78 4.09
N ARG A 266 -22.06 16.14 4.14
CA ARG A 266 -21.22 15.99 5.34
C ARG A 266 -20.35 17.23 5.60
N TYR A 267 -19.86 17.36 6.82
CA TYR A 267 -18.93 18.44 7.21
C TYR A 267 -17.49 17.94 7.22
N THR A 268 -16.51 18.80 6.91
CA THR A 268 -15.11 18.42 7.04
C THR A 268 -14.66 18.60 8.48
N PHE A 269 -14.27 17.51 9.14
CA PHE A 269 -13.63 17.53 10.47
C PHE A 269 -12.34 16.72 10.41
N GLY A 270 -11.22 17.42 10.32
CA GLY A 270 -9.91 16.79 10.24
C GLY A 270 -9.71 16.07 8.93
N ALA A 271 -9.55 14.76 9.01
CA ALA A 271 -9.46 13.91 7.83
C ALA A 271 -10.66 12.97 7.76
N SER A 272 -11.83 13.51 8.10
CA SER A 272 -13.06 12.73 8.22
C SER A 272 -14.28 13.54 7.75
N CYS A 273 -15.08 12.95 6.86
CA CYS A 273 -16.39 13.52 6.54
C CYS A 273 -17.36 13.11 7.63
N VAL A 274 -18.02 14.11 8.22
CA VAL A 274 -18.77 13.95 9.46
C VAL A 274 -20.17 14.51 9.30
N THR A 275 -21.16 13.77 9.81
CA THR A 275 -22.59 14.18 9.73
C THR A 275 -22.93 15.46 10.52
N ALA A 276 -22.27 15.67 11.66
CA ALA A 276 -22.32 16.97 12.35
C ALA A 276 -21.14 17.13 13.31
N CYS A 277 -20.71 18.38 13.49
CA CYS A 277 -19.48 18.69 14.21
C CYS A 277 -19.47 18.22 15.66
N PRO A 278 -18.27 17.96 16.22
CA PRO A 278 -18.17 17.54 17.63
C PRO A 278 -18.44 18.68 18.62
N TYR A 279 -18.53 18.37 19.92
CA TYR A 279 -19.20 19.25 20.89
C TYR A 279 -18.81 20.73 20.85
N ASN A 280 -17.54 21.05 21.06
CA ASN A 280 -17.13 22.46 21.19
C ASN A 280 -16.87 23.19 19.87
N TYR A 281 -16.91 22.44 18.76
CA TYR A 281 -16.57 22.98 17.45
C TYR A 281 -17.69 23.78 16.82
N LEU A 282 -17.29 24.76 16.03
CA LEU A 282 -18.20 25.68 15.37
C LEU A 282 -18.46 25.17 13.96
N SER A 283 -19.74 25.04 13.60
CA SER A 283 -20.13 24.72 12.23
C SER A 283 -19.91 25.95 11.38
N THR A 284 -19.35 25.74 10.20
CA THR A 284 -18.95 26.84 9.33
C THR A 284 -19.93 26.92 8.15
N ASP A 285 -20.09 28.15 7.66
CA ASP A 285 -20.83 28.47 6.44
C ASP A 285 -20.45 27.55 5.28
N VAL A 286 -19.15 27.47 5.00
CA VAL A 286 -18.57 26.57 3.99
C VAL A 286 -18.79 25.07 4.28
N GLY A 287 -18.98 24.73 5.56
CA GLY A 287 -19.31 23.35 5.97
C GLY A 287 -18.18 22.62 6.67
N SER A 288 -17.21 23.37 7.20
CA SER A 288 -16.14 22.81 8.03
C SER A 288 -16.53 22.84 9.50
N CYS A 289 -15.70 22.22 10.32
CA CYS A 289 -15.88 22.23 11.77
C CYS A 289 -14.64 22.87 12.35
N THR A 290 -14.64 24.18 12.38
CA THR A 290 -13.51 24.93 12.88
C THR A 290 -13.59 25.19 14.38
N LEU A 291 -12.48 25.72 14.90
CA LEU A 291 -12.41 26.25 16.28
C LEU A 291 -12.33 27.77 16.36
N VAL A 292 -11.97 28.42 15.26
CA VAL A 292 -12.06 29.86 15.14
C VAL A 292 -12.65 30.16 13.78
N CYS A 293 -13.64 31.05 13.72
CA CYS A 293 -14.29 31.38 12.45
C CYS A 293 -13.30 31.94 11.41
N PRO A 294 -13.60 31.79 10.11
CA PRO A 294 -12.81 32.43 9.04
C PRO A 294 -12.86 33.97 9.04
N LEU A 295 -12.19 34.57 8.05
CA LEU A 295 -12.27 36.02 7.84
C LEU A 295 -13.63 36.32 7.22
N HIS A 296 -14.11 37.55 7.44
CA HIS A 296 -15.48 37.95 7.06
C HIS A 296 -16.62 37.11 7.72
N ASN A 297 -16.30 36.38 8.80
CA ASN A 297 -17.30 35.53 9.51
C ASN A 297 -17.57 36.04 10.95
N GLN A 298 -18.82 35.88 11.39
CA GLN A 298 -19.27 36.26 12.75
C GLN A 298 -19.73 35.03 13.54
N GLU A 299 -19.37 34.96 14.83
CA GLU A 299 -19.80 33.86 15.69
C GLU A 299 -21.22 34.14 16.16
N VAL A 300 -22.10 33.17 15.95
CA VAL A 300 -23.53 33.32 16.18
C VAL A 300 -24.00 32.08 16.95
N THR A 301 -24.99 32.24 17.82
CA THR A 301 -25.67 31.09 18.43
C THR A 301 -27.11 30.99 17.87
N ALA A 302 -27.40 29.88 17.18
CA ALA A 302 -28.74 29.62 16.59
C ALA A 302 -29.58 28.66 17.46
N GLU A 303 -30.89 28.65 17.20
CA GLU A 303 -31.89 27.88 17.99
C GLU A 303 -31.95 26.34 17.69
N ASP A 304 -30.96 25.86 16.96
CA ASP A 304 -31.00 24.54 16.32
C ASP A 304 -30.01 23.56 16.98
N GLY A 305 -28.89 24.07 17.49
CA GLY A 305 -27.83 23.22 18.08
C GLY A 305 -26.78 24.02 18.87
N THR A 306 -25.54 24.05 18.35
CA THR A 306 -24.40 24.80 18.98
C THR A 306 -24.30 26.20 18.33
N GLN A 307 -23.13 26.83 18.46
CA GLN A 307 -22.81 28.04 17.72
C GLN A 307 -22.24 27.71 16.33
N ARG A 308 -22.54 28.57 15.35
CA ARG A 308 -22.05 28.45 13.97
C ARG A 308 -21.51 29.78 13.48
N CYS A 309 -20.70 29.73 12.43
CA CYS A 309 -20.11 30.93 11.81
C CYS A 309 -20.92 31.34 10.57
N GLU A 310 -20.82 32.63 10.22
CA GLU A 310 -21.66 33.25 9.18
C GLU A 310 -20.99 34.40 8.40
N LYS A 311 -21.15 34.37 7.06
CA LYS A 311 -20.85 35.52 6.17
C LYS A 311 -21.69 36.73 6.59
N CYS A 312 -21.01 37.81 6.97
CA CYS A 312 -21.67 38.95 7.62
C CYS A 312 -22.37 39.86 6.60
N SER A 313 -23.47 40.49 7.01
CA SER A 313 -24.15 41.53 6.21
C SER A 313 -23.27 42.81 6.11
N LYS A 314 -23.00 43.43 7.26
CA LYS A 314 -22.07 44.57 7.38
C LYS A 314 -20.70 44.00 7.78
N PRO A 315 -19.58 44.72 7.46
CA PRO A 315 -18.29 44.41 8.14
C PRO A 315 -18.50 44.22 9.67
N CYS A 316 -18.55 42.94 10.05
CA CYS A 316 -19.21 42.44 11.28
C CYS A 316 -18.93 43.34 12.51
N ALA A 317 -20.00 43.81 13.14
CA ALA A 317 -19.90 44.77 14.25
C ALA A 317 -19.03 44.18 15.36
N ARG A 318 -17.81 44.68 15.47
CA ARG A 318 -16.73 44.15 16.34
C ARG A 318 -17.12 43.85 17.78
N VAL A 319 -16.76 42.62 18.20
CA VAL A 319 -16.96 42.15 19.54
C VAL A 319 -15.71 41.77 20.23
N CYS A 320 -15.44 42.59 21.24
CA CYS A 320 -14.34 42.46 22.23
C CYS A 320 -13.38 41.26 22.09
N TYR A 321 -12.22 41.53 21.49
CA TYR A 321 -11.23 40.49 21.28
C TYR A 321 -10.31 40.32 22.46
N GLY A 322 -9.86 39.09 22.66
CA GLY A 322 -8.91 38.76 23.70
C GLY A 322 -7.55 38.39 23.11
N LEU A 323 -6.72 37.81 23.97
CA LEU A 323 -5.35 37.44 23.61
C LEU A 323 -5.37 36.26 22.64
N GLY A 324 -4.36 36.22 21.77
CA GLY A 324 -4.29 35.22 20.70
C GLY A 324 -5.30 35.46 19.59
N MET A 325 -5.65 36.72 19.34
CA MET A 325 -6.66 37.05 18.33
C MET A 325 -6.50 38.51 17.88
N GLU A 326 -6.63 38.73 16.57
CA GLU A 326 -6.55 40.06 15.95
C GLU A 326 -5.44 40.95 16.56
N HIS A 327 -5.76 42.15 17.04
CA HIS A 327 -4.70 43.10 17.44
C HIS A 327 -3.97 42.77 18.76
N LEU A 328 -4.47 41.75 19.49
CA LEU A 328 -3.80 41.20 20.67
C LEU A 328 -3.27 39.79 20.40
N ARG A 329 -2.89 39.53 19.14
CA ARG A 329 -2.46 38.20 18.67
C ARG A 329 -1.28 37.73 19.52
N GLU A 330 -0.23 38.54 19.55
CA GLU A 330 1.00 38.16 20.21
C GLU A 330 1.31 39.09 21.38
N VAL A 331 0.33 39.17 22.27
CA VAL A 331 0.49 39.80 23.58
C VAL A 331 0.41 38.65 24.55
N ARG A 332 1.30 38.57 25.53
CA ARG A 332 1.31 37.38 26.40
C ARG A 332 0.39 37.54 27.60
N ALA A 333 0.07 38.78 27.97
CA ALA A 333 -0.71 39.03 29.18
C ALA A 333 -1.56 40.27 29.13
N VAL A 334 -2.68 40.24 29.88
CA VAL A 334 -3.47 41.43 30.16
C VAL A 334 -2.57 42.29 31.00
N THR A 335 -2.45 43.56 30.62
CA THR A 335 -1.59 44.49 31.34
C THR A 335 -2.33 45.81 31.50
N SER A 336 -1.67 46.78 32.15
CA SER A 336 -2.25 48.10 32.31
C SER A 336 -2.37 48.90 31.01
N ALA A 337 -1.67 48.46 29.96
CA ALA A 337 -1.77 49.06 28.63
C ALA A 337 -2.90 48.50 27.75
N ASN A 338 -3.61 47.48 28.22
CA ASN A 338 -4.82 46.99 27.52
C ASN A 338 -6.01 46.55 28.41
N ILE A 339 -5.91 46.74 29.73
CA ILE A 339 -7.01 46.44 30.68
C ILE A 339 -8.34 47.09 30.31
N GLN A 340 -8.30 48.36 29.87
CA GLN A 340 -9.51 49.12 29.55
C GLN A 340 -10.06 48.82 28.15
N GLU A 341 -9.51 47.82 27.45
CA GLU A 341 -10.14 47.33 26.24
C GLU A 341 -11.36 46.46 26.59
N PHE A 342 -11.31 45.80 27.74
CA PHE A 342 -12.34 44.80 28.11
C PHE A 342 -13.53 45.40 28.83
N ALA A 343 -13.55 46.73 28.98
CA ALA A 343 -14.64 47.42 29.65
C ALA A 343 -15.99 47.13 28.97
N GLY A 344 -16.96 46.82 29.81
CA GLY A 344 -18.33 46.59 29.39
C GLY A 344 -18.57 45.29 28.65
N CYS A 345 -17.58 44.40 28.63
CA CYS A 345 -17.60 43.26 27.72
C CYS A 345 -18.27 42.03 28.33
N LYS A 346 -19.30 41.56 27.64
CA LYS A 346 -20.12 40.47 28.12
C LYS A 346 -19.43 39.15 27.75
N LYS A 347 -18.72 39.13 26.62
CA LYS A 347 -18.12 37.92 26.07
C LYS A 347 -16.78 38.29 25.42
N ILE A 348 -15.71 37.54 25.72
CA ILE A 348 -14.35 37.81 25.16
C ILE A 348 -13.91 36.74 24.18
N PHE A 349 -13.66 37.20 22.95
CA PHE A 349 -13.29 36.33 21.83
C PHE A 349 -11.77 36.19 21.80
N GLY A 350 -11.29 35.15 22.48
CA GLY A 350 -9.86 34.95 22.75
C GLY A 350 -9.63 34.49 24.18
N SER A 351 -8.47 34.83 24.73
CA SER A 351 -8.06 34.35 26.04
C SER A 351 -7.59 35.46 26.94
N LEU A 352 -7.45 35.13 28.21
CA LEU A 352 -6.91 36.03 29.21
C LEU A 352 -5.76 35.35 29.93
N ALA A 353 -4.67 36.09 30.11
CA ALA A 353 -3.50 35.61 30.80
C ALA A 353 -3.08 36.69 31.79
N PHE A 354 -2.81 36.30 33.02
CA PHE A 354 -2.32 37.22 34.02
C PHE A 354 -0.99 36.69 34.48
N LEU A 355 0.06 37.47 34.24
CA LEU A 355 1.44 37.11 34.55
C LEU A 355 2.03 37.99 35.67
N PRO A 356 3.20 37.61 36.23
CA PRO A 356 3.86 38.51 37.19
C PRO A 356 4.23 39.88 36.59
N GLU A 357 4.44 39.93 35.27
CA GLU A 357 4.50 41.19 34.52
C GLU A 357 3.33 42.07 34.89
N SER A 358 2.12 41.57 34.64
CA SER A 358 0.93 42.38 34.64
C SER A 358 0.70 43.12 35.94
N PHE A 359 1.15 42.54 37.05
CA PHE A 359 0.98 43.20 38.34
C PHE A 359 2.24 43.87 38.85
N ASP A 360 3.40 43.31 38.46
CA ASP A 360 4.74 43.79 38.87
C ASP A 360 5.65 44.25 37.76
N GLY A 361 5.05 44.69 36.64
CA GLY A 361 5.79 45.06 35.48
C GLY A 361 6.01 46.56 35.39
N ASP A 362 7.17 46.77 34.90
CA ASP A 362 7.73 48.01 34.55
C ASP A 362 8.92 47.67 33.71
N PRO A 363 9.06 46.38 33.35
CA PRO A 363 10.22 45.95 32.54
C PRO A 363 10.54 46.95 31.41
N ALA A 364 10.12 46.63 30.15
CA ALA A 364 10.32 47.38 28.86
C ALA A 364 10.35 48.89 29.10
N SER A 365 9.96 49.15 30.34
CA SER A 365 9.95 50.42 31.02
C SER A 365 8.82 51.35 30.65
N ASN A 366 8.41 52.00 31.72
CA ASN A 366 7.34 53.00 31.80
C ASN A 366 5.94 52.38 32.00
N THR A 367 5.74 51.13 31.64
CA THR A 367 4.40 50.52 31.67
C THR A 367 3.98 50.23 33.12
N ALA A 368 3.01 50.99 33.62
CA ALA A 368 2.63 50.97 35.03
C ALA A 368 1.99 49.64 35.42
N PRO A 369 2.07 49.26 36.72
CA PRO A 369 1.42 48.02 37.17
C PRO A 369 -0.12 48.12 37.19
N LEU A 370 -0.80 46.98 36.97
CA LEU A 370 -2.26 46.90 37.17
C LEU A 370 -2.62 46.96 38.64
N GLN A 371 -3.66 47.73 38.96
CA GLN A 371 -4.19 47.80 40.32
C GLN A 371 -5.30 46.78 40.54
N PRO A 372 -5.55 46.39 41.80
CA PRO A 372 -6.66 45.46 42.06
C PRO A 372 -8.04 45.95 41.57
N GLU A 373 -8.24 47.27 41.60
CA GLU A 373 -9.56 47.86 41.25
C GLU A 373 -9.77 47.87 39.71
N GLN A 374 -8.69 47.97 38.95
CA GLN A 374 -8.77 47.92 37.48
C GLN A 374 -9.28 46.60 36.98
N LEU A 375 -9.06 45.54 37.76
CA LEU A 375 -9.54 44.21 37.41
C LEU A 375 -11.06 44.10 37.41
N GLN A 376 -11.77 44.97 38.12
CA GLN A 376 -13.26 44.96 38.10
C GLN A 376 -13.90 45.20 36.73
N VAL A 377 -13.11 45.65 35.76
CA VAL A 377 -13.48 45.64 34.34
C VAL A 377 -14.23 44.37 33.96
N PHE A 378 -13.72 43.22 34.38
CA PHE A 378 -14.25 41.90 33.98
C PHE A 378 -15.51 41.42 34.74
N GLU A 379 -16.08 42.23 35.64
CA GLU A 379 -17.33 41.85 36.34
C GLU A 379 -18.54 41.63 35.40
N THR A 380 -18.53 42.33 34.27
CA THR A 380 -19.53 42.16 33.23
C THR A 380 -19.45 40.81 32.54
N LEU A 381 -18.25 40.24 32.48
CA LEU A 381 -17.94 39.12 31.61
C LEU A 381 -18.59 37.82 32.02
N GLU A 382 -19.22 37.19 31.05
CA GLU A 382 -19.92 35.93 31.21
C GLU A 382 -19.25 34.73 30.53
N GLU A 383 -18.52 34.99 29.45
CA GLU A 383 -18.03 33.94 28.57
C GLU A 383 -16.64 34.26 28.06
N ILE A 384 -15.77 33.24 28.02
CA ILE A 384 -14.47 33.33 27.35
C ILE A 384 -14.37 32.19 26.35
N THR A 385 -14.20 32.52 25.07
CA THR A 385 -14.11 31.50 24.02
C THR A 385 -12.84 30.68 24.14
N GLY A 386 -11.77 31.32 24.62
CA GLY A 386 -10.46 30.70 24.78
C GLY A 386 -10.19 30.24 26.19
N TYR A 387 -8.96 30.46 26.66
CA TYR A 387 -8.54 30.01 27.98
C TYR A 387 -8.37 31.14 28.99
N LEU A 388 -8.36 30.75 30.26
CA LEU A 388 -7.97 31.63 31.37
C LEU A 388 -6.68 31.06 31.99
N TYR A 389 -5.65 31.91 32.13
CA TYR A 389 -4.37 31.55 32.77
C TYR A 389 -4.03 32.61 33.80
N ILE A 390 -3.68 32.20 35.02
CA ILE A 390 -3.32 33.13 36.08
C ILE A 390 -2.11 32.60 36.86
N SER A 391 -0.92 33.09 36.53
CA SER A 391 0.29 32.75 37.31
C SER A 391 0.59 33.79 38.37
N ALA A 392 -0.16 34.89 38.37
CA ALA A 392 0.04 35.96 39.34
C ALA A 392 -1.26 36.71 39.60
N TRP A 393 -1.45 37.18 40.82
CA TRP A 393 -2.68 37.85 41.25
C TRP A 393 -2.35 38.61 42.52
N PRO A 394 -2.98 39.77 42.76
CA PRO A 394 -2.56 40.56 43.91
C PRO A 394 -2.75 39.84 45.25
N ASP A 395 -1.92 40.18 46.22
CA ASP A 395 -2.02 39.60 47.57
C ASP A 395 -3.30 40.01 48.27
N SER A 396 -3.66 41.29 48.12
CA SER A 396 -4.83 41.88 48.77
C SER A 396 -6.14 41.16 48.46
N LEU A 397 -6.27 40.67 47.23
CA LEU A 397 -7.45 39.92 46.82
C LEU A 397 -7.36 38.45 47.31
N PRO A 398 -8.33 38.00 48.12
CA PRO A 398 -8.31 36.61 48.53
C PRO A 398 -8.89 35.65 47.52
N ASP A 399 -9.49 36.14 46.43
CA ASP A 399 -10.11 35.24 45.43
C ASP A 399 -10.25 35.85 44.03
N LEU A 400 -10.85 35.10 43.12
CA LEU A 400 -11.06 35.51 41.74
C LEU A 400 -12.49 36.00 41.54
N SER A 401 -13.01 36.77 42.49
CA SER A 401 -14.41 37.22 42.44
C SER A 401 -14.65 38.19 41.29
N VAL A 402 -13.59 38.81 40.78
CA VAL A 402 -13.65 39.60 39.54
C VAL A 402 -14.38 38.85 38.43
N PHE A 403 -14.12 37.55 38.33
CA PHE A 403 -14.79 36.66 37.38
C PHE A 403 -15.99 35.94 38.02
N GLN A 404 -16.70 36.62 38.93
CA GLN A 404 -17.92 36.08 39.59
C GLN A 404 -19.00 35.59 38.63
N ASN A 405 -19.15 36.33 37.52
CA ASN A 405 -20.20 36.07 36.56
C ASN A 405 -19.70 35.35 35.33
N LEU A 406 -18.44 34.94 35.36
CA LEU A 406 -17.91 34.00 34.39
C LEU A 406 -18.63 32.67 34.52
N GLN A 407 -19.29 32.25 33.43
CA GLN A 407 -20.08 31.01 33.34
C GLN A 407 -19.44 29.93 32.52
N VAL A 408 -19.00 30.29 31.32
CA VAL A 408 -18.45 29.36 30.34
C VAL A 408 -17.04 29.77 29.93
N ILE A 409 -16.08 28.90 30.22
CA ILE A 409 -14.75 28.99 29.65
C ILE A 409 -14.72 27.87 28.61
N ARG A 410 -14.84 28.23 27.34
CA ARG A 410 -14.99 27.23 26.29
C ARG A 410 -13.67 26.51 26.01
N GLY A 411 -12.59 27.26 25.87
CA GLY A 411 -11.28 26.71 25.61
C GLY A 411 -11.17 26.07 24.24
N ARG A 412 -11.56 26.81 23.20
CA ARG A 412 -11.30 26.40 21.80
C ARG A 412 -9.87 26.77 21.38
N ILE A 413 -9.22 27.59 22.21
CA ILE A 413 -7.76 27.73 22.28
C ILE A 413 -7.35 27.44 23.76
N LEU A 414 -6.41 26.51 23.94
CA LEU A 414 -6.03 25.96 25.24
C LEU A 414 -4.56 26.25 25.53
N HIS A 415 -4.19 26.49 26.78
CA HIS A 415 -2.80 26.86 27.14
C HIS A 415 -1.86 25.67 27.03
N ASN A 416 -0.73 25.88 26.33
CA ASN A 416 0.18 24.80 25.91
C ASN A 416 -0.60 23.69 25.19
N GLY A 417 -1.68 24.06 24.50
CA GLY A 417 -2.58 23.10 23.85
C GLY A 417 -3.41 22.17 24.72
N ALA A 418 -3.44 22.41 26.03
CA ALA A 418 -4.03 21.47 26.97
C ALA A 418 -4.93 22.10 28.02
N TYR A 419 -4.45 23.12 28.71
CA TYR A 419 -5.11 23.62 29.91
C TYR A 419 -6.01 24.85 29.67
N SER A 420 -7.31 24.69 29.92
CA SER A 420 -8.28 25.78 29.79
C SER A 420 -8.25 26.71 31.00
N LEU A 421 -8.33 26.13 32.19
CA LEU A 421 -8.22 26.87 33.44
C LEU A 421 -6.89 26.53 34.09
N THR A 422 -6.01 27.52 34.22
CA THR A 422 -4.67 27.35 34.76
C THR A 422 -4.47 28.35 35.89
N LEU A 423 -4.29 27.86 37.11
CA LEU A 423 -4.05 28.72 38.28
C LEU A 423 -2.79 28.24 39.02
N GLN A 424 -1.74 29.08 39.05
CA GLN A 424 -0.44 28.65 39.57
C GLN A 424 0.36 29.74 40.30
N GLY A 425 0.55 29.54 41.60
CA GLY A 425 1.47 30.35 42.42
C GLY A 425 0.86 31.60 42.99
N LEU A 426 -0.38 31.52 43.45
CA LEU A 426 -1.24 32.71 43.61
C LEU A 426 -1.46 33.28 45.02
N GLY A 427 -1.58 32.44 46.04
CA GLY A 427 -1.95 32.91 47.39
C GLY A 427 -3.35 33.52 47.50
N ILE A 428 -4.25 33.03 46.67
CA ILE A 428 -5.69 33.22 46.85
C ILE A 428 -6.14 32.13 47.81
N SER A 429 -7.09 32.47 48.70
CA SER A 429 -7.52 31.57 49.78
C SER A 429 -8.79 30.74 49.44
N TRP A 430 -9.59 31.21 48.48
CA TRP A 430 -10.67 30.43 47.87
C TRP A 430 -10.81 30.83 46.39
N LEU A 431 -11.63 30.12 45.63
CA LEU A 431 -11.72 30.34 44.18
C LEU A 431 -12.56 31.56 43.79
N GLY A 432 -13.85 31.50 44.08
CA GLY A 432 -14.77 32.62 43.81
C GLY A 432 -15.52 32.61 42.50
N LEU A 433 -15.24 31.62 41.65
CA LEU A 433 -15.83 31.59 40.31
C LEU A 433 -17.26 31.04 40.37
N ARG A 434 -18.12 31.78 41.04
CA ARG A 434 -19.42 31.22 41.45
C ARG A 434 -20.39 30.93 40.32
N SER A 435 -20.28 31.65 39.20
CA SER A 435 -21.16 31.41 38.06
C SER A 435 -20.63 30.36 37.13
N LEU A 436 -19.33 30.03 37.22
CA LEU A 436 -18.71 29.02 36.33
C LEU A 436 -19.43 27.67 36.35
N ARG A 437 -20.11 27.34 35.26
CA ARG A 437 -20.82 26.08 35.15
C ARG A 437 -20.45 25.25 33.92
N GLU A 438 -19.50 25.69 33.09
CA GLU A 438 -19.01 24.85 31.98
C GLU A 438 -17.53 25.08 31.64
N LEU A 439 -16.81 23.96 31.46
CA LEU A 439 -15.50 23.93 30.82
C LEU A 439 -15.60 23.15 29.49
N GLY A 440 -15.74 23.90 28.39
CA GLY A 440 -16.11 23.38 27.06
C GLY A 440 -15.19 22.29 26.55
N SER A 441 -13.89 22.56 26.56
CA SER A 441 -12.87 21.52 26.37
C SER A 441 -11.58 21.93 27.10
N GLY A 442 -10.67 20.98 27.29
CA GLY A 442 -9.39 21.24 27.95
C GLY A 442 -9.35 20.89 29.43
N LEU A 443 -8.14 20.71 29.94
CA LEU A 443 -7.88 20.23 31.30
C LEU A 443 -7.74 21.39 32.24
N ALA A 444 -8.12 21.18 33.50
CA ALA A 444 -7.99 22.22 34.52
C ALA A 444 -6.75 21.90 35.35
N LEU A 445 -5.91 22.93 35.57
CA LEU A 445 -4.68 22.78 36.37
C LEU A 445 -4.66 23.84 37.47
N ILE A 446 -4.77 23.39 38.73
CA ILE A 446 -4.71 24.27 39.88
C ILE A 446 -3.59 23.76 40.77
N HIS A 447 -2.45 24.47 40.81
CA HIS A 447 -1.26 23.99 41.56
C HIS A 447 -0.41 25.07 42.22
N HIS A 448 0.38 24.65 43.21
CA HIS A 448 1.29 25.50 44.01
C HIS A 448 0.69 26.84 44.48
N ASN A 449 -0.59 26.84 44.84
CA ASN A 449 -1.27 28.00 45.42
C ASN A 449 -1.38 27.81 46.92
N THR A 450 -0.30 28.17 47.62
CA THR A 450 -0.07 27.76 49.02
C THR A 450 -1.29 27.83 49.93
N HIS A 451 -2.10 28.87 49.75
CA HIS A 451 -3.21 29.20 50.65
C HIS A 451 -4.58 28.66 50.24
N LEU A 452 -4.74 28.24 48.98
CA LEU A 452 -6.06 27.93 48.40
C LEU A 452 -6.79 26.72 49.01
N CYS A 453 -7.92 26.99 49.67
CA CYS A 453 -8.89 25.97 50.06
C CYS A 453 -9.97 25.96 49.01
N PHE A 454 -11.03 25.19 49.25
CA PHE A 454 -12.25 25.19 48.40
C PHE A 454 -11.98 24.73 46.98
N VAL A 455 -11.09 23.74 46.84
CA VAL A 455 -10.86 23.07 45.56
C VAL A 455 -11.57 21.72 45.58
N HIS A 456 -11.39 20.94 46.64
CA HIS A 456 -12.13 19.67 46.80
C HIS A 456 -13.65 19.82 47.00
N THR A 457 -14.14 21.06 46.97
CA THR A 457 -15.55 21.40 47.15
C THR A 457 -16.32 21.76 45.88
N VAL A 458 -15.64 21.80 44.75
CA VAL A 458 -16.29 22.06 43.46
C VAL A 458 -16.49 20.72 42.78
N PRO A 459 -17.67 20.47 42.21
CA PRO A 459 -17.88 19.20 41.52
C PRO A 459 -17.49 19.33 40.06
N TRP A 460 -16.22 19.08 39.78
CA TRP A 460 -15.63 19.47 38.49
C TRP A 460 -16.24 18.67 37.32
N ASP A 461 -16.48 17.40 37.57
CA ASP A 461 -17.29 16.53 36.67
C ASP A 461 -18.48 17.23 35.98
N GLN A 462 -19.24 18.00 36.76
CA GLN A 462 -20.41 18.74 36.23
C GLN A 462 -20.01 19.85 35.24
N LEU A 463 -18.81 20.41 35.39
CA LEU A 463 -18.25 21.40 34.45
C LEU A 463 -17.81 20.78 33.12
N PHE A 464 -17.22 19.60 33.17
CA PHE A 464 -16.64 18.98 31.98
C PHE A 464 -17.67 18.47 30.94
N ARG A 465 -17.22 18.32 29.69
CA ARG A 465 -18.08 17.94 28.55
C ARG A 465 -17.61 16.79 27.67
N ASN A 466 -16.54 16.11 28.07
CA ASN A 466 -16.04 14.94 27.38
C ASN A 466 -15.12 14.16 28.35
N PRO A 467 -14.95 12.85 28.14
CA PRO A 467 -14.26 12.04 29.13
C PRO A 467 -12.75 12.27 29.24
N HIS A 468 -12.14 12.98 28.29
CA HIS A 468 -10.70 13.31 28.37
C HIS A 468 -10.38 14.33 29.47
N GLN A 469 -11.36 15.16 29.82
CA GLN A 469 -11.13 16.25 30.74
C GLN A 469 -10.99 15.79 32.20
N ALA A 470 -10.32 16.62 32.98
CA ALA A 470 -10.08 16.35 34.39
C ALA A 470 -9.37 17.54 35.05
N LEU A 471 -9.46 17.57 36.37
CA LEU A 471 -8.68 18.50 37.19
C LEU A 471 -7.40 17.83 37.62
N LEU A 472 -6.32 18.59 37.58
CA LEU A 472 -5.04 18.17 38.06
C LEU A 472 -4.62 19.18 39.11
N HIS A 473 -4.13 18.67 40.23
CA HIS A 473 -3.88 19.51 41.38
C HIS A 473 -2.81 18.96 42.31
N THR A 474 -1.93 19.84 42.76
CA THR A 474 -0.95 19.51 43.77
C THR A 474 -0.41 20.78 44.42
N ALA A 475 0.00 20.65 45.67
CA ALA A 475 0.70 21.72 46.39
C ALA A 475 -0.14 22.96 46.68
N ASN A 476 -1.47 22.82 46.68
CA ASN A 476 -2.37 23.85 47.21
C ASN A 476 -2.62 23.46 48.66
N ARG A 477 -3.26 24.34 49.45
CA ARG A 477 -3.54 24.01 50.84
C ARG A 477 -4.47 22.80 50.88
N PRO A 478 -4.12 21.74 51.64
CA PRO A 478 -4.90 20.51 51.51
C PRO A 478 -6.22 20.56 52.27
N GLU A 479 -7.25 19.83 51.80
CA GLU A 479 -8.62 19.91 52.36
C GLU A 479 -8.74 19.25 53.73
N ASP A 480 -7.74 18.46 54.12
CA ASP A 480 -7.69 17.89 55.50
C ASP A 480 -7.46 19.01 56.50
N GLU A 481 -6.57 19.93 56.14
CA GLU A 481 -6.20 21.05 56.99
C GLU A 481 -7.15 22.23 56.83
N CYS A 482 -7.81 22.34 55.68
CA CYS A 482 -8.88 23.33 55.47
C CYS A 482 -10.07 23.00 56.35
N VAL A 483 -10.52 21.75 56.28
CA VAL A 483 -11.62 21.29 57.12
C VAL A 483 -11.17 21.17 58.59
N GLY A 484 -9.86 21.02 58.81
CA GLY A 484 -9.25 21.18 60.13
C GLY A 484 -9.50 22.52 60.80
N GLU A 485 -9.46 23.60 60.02
CA GLU A 485 -9.87 24.93 60.50
C GLU A 485 -11.41 25.09 60.51
N GLY A 486 -12.11 24.17 59.85
CA GLY A 486 -13.56 24.05 59.88
C GLY A 486 -14.18 24.86 58.76
N LEU A 487 -13.64 24.71 57.55
CA LEU A 487 -14.07 25.50 56.38
C LEU A 487 -14.92 24.64 55.44
N ALA A 488 -16.14 24.33 55.87
CA ALA A 488 -17.12 23.64 55.01
C ALA A 488 -17.87 24.66 54.14
N CYS A 489 -18.80 24.17 53.31
CA CYS A 489 -19.72 25.06 52.59
C CYS A 489 -20.79 25.59 53.54
N HIS A 490 -21.50 26.62 53.08
CA HIS A 490 -22.61 27.18 53.82
C HIS A 490 -23.81 26.23 53.78
N GLN A 491 -24.64 26.26 54.82
CA GLN A 491 -25.84 25.38 54.97
C GLN A 491 -26.60 25.18 53.68
N LEU A 492 -26.93 26.32 53.07
CA LEU A 492 -27.89 26.39 51.98
C LEU A 492 -27.32 26.04 50.59
N CYS A 493 -26.04 25.64 50.52
CA CYS A 493 -25.46 25.11 49.29
C CYS A 493 -25.84 23.66 49.15
N ALA A 494 -26.73 23.39 48.20
CA ALA A 494 -27.26 22.05 47.98
C ALA A 494 -26.13 21.10 47.63
N ARG A 495 -26.18 19.89 48.20
CA ARG A 495 -25.13 18.89 48.01
C ARG A 495 -23.73 19.41 48.37
N GLY A 496 -23.67 20.36 49.32
CA GLY A 496 -22.42 20.95 49.79
C GLY A 496 -21.37 21.26 48.75
N HIS A 497 -21.77 21.95 47.69
CA HIS A 497 -20.87 22.35 46.61
C HIS A 497 -20.74 23.87 46.55
N CYS A 498 -19.51 24.36 46.69
CA CYS A 498 -19.29 25.80 46.69
C CYS A 498 -17.92 26.19 46.16
N TRP A 499 -17.83 27.45 45.73
CA TRP A 499 -16.59 28.06 45.21
C TRP A 499 -15.89 28.95 46.26
N GLY A 500 -16.20 28.77 47.54
CA GLY A 500 -15.70 29.64 48.61
C GLY A 500 -16.58 29.60 49.86
N PRO A 501 -16.23 30.38 50.89
CA PRO A 501 -17.05 30.42 52.09
C PRO A 501 -18.28 31.27 51.88
N GLY A 502 -19.18 31.29 52.86
CA GLY A 502 -20.33 32.19 52.83
C GLY A 502 -21.47 31.71 51.95
N PRO A 503 -22.61 32.41 52.00
CA PRO A 503 -23.82 31.96 51.34
C PRO A 503 -23.95 32.37 49.86
N THR A 504 -23.01 33.17 49.37
CA THR A 504 -23.03 33.64 48.00
C THR A 504 -22.42 32.63 47.05
N GLN A 505 -21.58 31.72 47.55
CA GLN A 505 -20.72 30.87 46.71
C GLN A 505 -21.22 29.44 46.44
N CYS A 506 -22.51 29.17 46.66
CA CYS A 506 -23.06 27.85 46.30
C CYS A 506 -23.15 27.69 44.77
N VAL A 507 -23.13 26.45 44.28
CA VAL A 507 -23.35 26.23 42.85
C VAL A 507 -24.85 26.15 42.62
N ASN A 508 -25.53 25.29 43.37
CA ASN A 508 -27.00 25.30 43.42
C ASN A 508 -27.43 25.77 44.80
N CYS A 509 -28.10 26.91 44.84
CA CYS A 509 -28.70 27.42 46.07
C CYS A 509 -29.90 26.55 46.40
N SER A 510 -29.91 25.96 47.59
CA SER A 510 -30.95 24.97 47.94
C SER A 510 -32.34 25.56 48.22
N GLN A 511 -32.42 26.85 48.58
CA GLN A 511 -33.71 27.45 48.93
C GLN A 511 -34.13 28.62 48.01
N PHE A 512 -33.69 29.85 48.31
CA PHE A 512 -34.14 31.06 47.59
C PHE A 512 -33.04 32.11 47.49
N LEU A 513 -33.01 32.86 46.38
CA LEU A 513 -31.90 33.77 46.04
C LEU A 513 -32.26 35.26 46.19
N ARG A 514 -31.27 36.06 46.58
CA ARG A 514 -31.38 37.53 46.67
C ARG A 514 -30.13 38.12 46.04
N GLY A 515 -30.12 38.14 44.69
CA GLY A 515 -29.00 38.67 43.89
C GLY A 515 -27.78 37.78 43.93
N GLN A 516 -26.91 38.04 44.90
CA GLN A 516 -25.77 37.19 45.19
C GLN A 516 -26.18 36.04 46.13
N GLU A 517 -26.95 36.39 47.17
CA GLU A 517 -27.04 35.58 48.39
C GLU A 517 -28.06 34.46 48.37
N CYS A 518 -27.69 33.32 48.93
CA CYS A 518 -28.61 32.20 49.14
C CYS A 518 -29.31 32.41 50.50
N VAL A 519 -30.62 32.16 50.53
CA VAL A 519 -31.50 32.58 51.64
C VAL A 519 -32.61 31.56 51.91
N GLU A 520 -32.98 31.40 53.18
CA GLU A 520 -34.03 30.47 53.60
C GLU A 520 -35.42 30.89 53.11
N GLU A 521 -35.80 32.13 53.41
CA GLU A 521 -37.14 32.64 53.15
C GLU A 521 -37.06 34.03 52.54
N CYS A 522 -37.90 34.27 51.54
CA CYS A 522 -38.10 35.62 51.01
C CYS A 522 -38.89 36.50 51.99
N ARG A 523 -39.07 37.78 51.65
CA ARG A 523 -39.85 38.71 52.48
C ARG A 523 -41.27 38.86 51.93
N VAL A 524 -41.99 37.75 51.86
CA VAL A 524 -43.37 37.73 51.32
C VAL A 524 -44.39 38.09 52.41
N LEU A 525 -44.16 37.62 53.64
CA LEU A 525 -45.07 37.84 54.78
C LEU A 525 -44.58 38.89 55.79
N GLN A 526 -43.26 38.91 56.04
CA GLN A 526 -42.62 39.91 56.93
C GLN A 526 -41.31 40.42 56.32
N GLY A 527 -40.83 41.59 56.77
CA GLY A 527 -39.49 42.09 56.40
C GLY A 527 -39.43 43.42 55.66
N LEU A 528 -38.21 43.95 55.51
CA LEU A 528 -37.97 45.35 55.06
C LEU A 528 -38.79 45.77 53.80
N PRO A 529 -38.30 45.50 52.55
CA PRO A 529 -39.27 45.59 51.46
C PRO A 529 -40.01 44.25 51.29
N ARG A 530 -41.29 44.30 50.97
CA ARG A 530 -42.01 43.05 50.71
C ARG A 530 -41.71 42.59 49.29
N GLU A 531 -41.72 41.27 49.13
CA GLU A 531 -41.11 40.60 47.98
C GLU A 531 -41.99 39.52 47.36
N TYR A 532 -42.00 39.49 46.03
CA TYR A 532 -42.63 38.42 45.26
C TYR A 532 -41.55 37.44 44.84
N VAL A 533 -41.89 36.15 44.83
CA VAL A 533 -40.97 35.09 44.39
C VAL A 533 -41.17 34.86 42.89
N ASN A 534 -40.09 34.60 42.17
CA ASN A 534 -40.17 34.24 40.74
C ASN A 534 -38.91 33.47 40.35
N ALA A 535 -39.09 32.24 39.89
CA ALA A 535 -37.97 31.33 39.60
C ALA A 535 -36.98 31.27 40.78
N ARG A 536 -37.52 31.15 42.00
CA ARG A 536 -36.73 31.13 43.25
C ARG A 536 -35.78 32.34 43.49
N HIS A 537 -36.17 33.51 43.03
CA HIS A 537 -35.44 34.76 43.28
C HIS A 537 -36.37 35.73 44.01
N CYS A 538 -35.93 36.21 45.18
CA CYS A 538 -36.72 37.15 45.97
C CYS A 538 -36.55 38.55 45.36
N LEU A 539 -37.52 38.94 44.56
CA LEU A 539 -37.54 40.23 43.88
C LEU A 539 -38.50 41.17 44.65
N PRO A 540 -38.06 42.41 44.98
CA PRO A 540 -38.97 43.32 45.72
C PRO A 540 -40.22 43.76 44.95
N CYS A 541 -41.29 44.09 45.69
CA CYS A 541 -42.52 44.68 45.10
C CYS A 541 -42.25 46.13 44.72
N HIS A 542 -43.21 46.77 44.06
CA HIS A 542 -43.13 48.21 43.85
C HIS A 542 -43.16 48.89 45.24
N PRO A 543 -42.27 49.86 45.50
CA PRO A 543 -42.18 50.46 46.86
C PRO A 543 -43.46 51.10 47.43
N GLU A 544 -44.33 51.59 46.55
CA GLU A 544 -45.62 52.19 46.93
C GLU A 544 -46.78 51.19 47.16
N CYS A 545 -46.52 49.88 47.06
CA CYS A 545 -47.45 48.86 47.55
C CYS A 545 -47.46 48.86 49.09
N GLN A 546 -48.64 48.63 49.67
CA GLN A 546 -48.82 48.72 51.11
C GLN A 546 -48.32 47.44 51.78
N PRO A 547 -47.62 47.55 52.91
CA PRO A 547 -47.21 46.36 53.65
C PRO A 547 -48.40 45.73 54.36
N GLN A 548 -48.57 44.41 54.22
CA GLN A 548 -49.76 43.69 54.71
C GLN A 548 -49.48 42.95 56.03
N ASN A 549 -50.53 42.79 56.85
CA ASN A 549 -50.41 42.05 58.12
C ASN A 549 -50.89 40.61 57.92
N GLY A 550 -49.94 39.70 57.80
CA GLY A 550 -50.20 38.27 57.70
C GLY A 550 -50.72 37.83 56.34
N SER A 551 -50.10 38.33 55.27
CA SER A 551 -50.62 38.15 53.89
C SER A 551 -49.60 38.45 52.78
N VAL A 552 -49.96 38.05 51.56
CA VAL A 552 -49.19 38.37 50.33
C VAL A 552 -49.28 39.88 50.11
N THR A 553 -48.17 40.51 49.72
CA THR A 553 -48.12 41.97 49.51
C THR A 553 -48.30 42.42 48.04
N CYS A 554 -47.86 41.59 47.08
CA CYS A 554 -48.02 41.88 45.64
C CYS A 554 -48.04 40.61 44.77
N PHE A 555 -48.60 40.70 43.56
CA PHE A 555 -48.39 39.62 42.56
C PHE A 555 -46.96 39.75 42.05
N GLY A 556 -46.59 40.94 41.55
CA GLY A 556 -45.36 41.12 40.75
C GLY A 556 -44.62 42.40 41.03
N PRO A 557 -43.69 42.80 40.12
CA PRO A 557 -42.77 43.91 40.38
C PRO A 557 -43.41 45.28 40.44
N GLU A 558 -44.38 45.51 39.55
CA GLU A 558 -44.93 46.83 39.28
C GLU A 558 -46.07 47.28 40.22
N ALA A 559 -46.33 48.59 40.18
CA ALA A 559 -47.34 49.25 41.01
C ALA A 559 -48.81 48.92 40.67
N ASP A 560 -49.07 48.41 39.47
CA ASP A 560 -50.41 47.89 39.11
C ASP A 560 -50.75 46.59 39.87
N GLN A 561 -49.73 45.86 40.28
CA GLN A 561 -49.87 44.53 40.88
C GLN A 561 -49.60 44.52 42.39
N CYS A 562 -50.18 45.50 43.13
CA CYS A 562 -50.17 45.49 44.61
C CYS A 562 -51.48 44.91 45.13
N VAL A 563 -51.49 44.51 46.41
CA VAL A 563 -52.75 44.16 47.08
C VAL A 563 -53.51 45.46 47.34
N ALA A 564 -52.86 46.40 48.03
CA ALA A 564 -53.38 47.76 48.25
C ALA A 564 -52.27 48.78 48.02
N CYS A 565 -52.65 50.00 47.65
CA CYS A 565 -51.70 51.11 47.50
C CYS A 565 -51.49 51.75 48.86
N ALA A 566 -50.24 52.10 49.17
CA ALA A 566 -49.89 52.63 50.50
C ALA A 566 -50.40 54.07 50.73
N HIS A 567 -50.30 54.93 49.70
CA HIS A 567 -50.59 56.37 49.82
C HIS A 567 -51.69 56.88 48.87
N TYR A 568 -51.50 56.73 47.56
CA TYR A 568 -52.51 57.08 46.56
C TYR A 568 -52.79 55.94 45.59
N LYS A 569 -54.07 55.60 45.45
CA LYS A 569 -54.60 54.66 44.45
C LYS A 569 -55.21 55.41 43.25
N ASP A 570 -54.52 55.36 42.10
CA ASP A 570 -54.97 56.01 40.86
C ASP A 570 -54.78 55.04 39.69
N PRO A 571 -55.69 54.05 39.51
CA PRO A 571 -55.52 53.01 38.47
C PRO A 571 -55.24 53.53 37.04
N PRO A 572 -54.50 52.79 36.20
CA PRO A 572 -54.04 51.41 36.48
C PRO A 572 -52.89 51.12 37.52
N PHE A 573 -52.29 52.14 38.15
CA PHE A 573 -51.13 51.95 39.08
C PHE A 573 -51.34 52.52 40.49
N CYS A 574 -50.45 52.15 41.41
CA CYS A 574 -50.34 52.80 42.74
C CYS A 574 -49.22 53.87 42.73
N VAL A 575 -49.45 54.98 43.41
CA VAL A 575 -48.50 56.11 43.42
C VAL A 575 -48.57 56.96 44.69
N GLU B 1 27.96 -10.06 -25.41
CA GLU B 1 26.48 -9.95 -25.58
C GLU B 1 25.73 -10.90 -24.62
N VAL B 2 24.42 -10.70 -24.53
CA VAL B 2 23.56 -11.44 -23.60
C VAL B 2 23.63 -12.94 -23.85
N GLN B 3 23.67 -13.73 -22.78
CA GLN B 3 23.69 -15.17 -22.89
C GLN B 3 23.35 -15.83 -21.55
N LEU B 4 22.39 -16.74 -21.60
CA LEU B 4 21.95 -17.54 -20.46
C LEU B 4 22.08 -19.00 -20.86
N VAL B 5 22.93 -19.74 -20.15
CA VAL B 5 23.18 -21.14 -20.45
C VAL B 5 22.79 -21.94 -19.22
N GLU B 6 21.78 -22.80 -19.35
CA GLU B 6 21.27 -23.57 -18.20
C GLU B 6 21.72 -25.00 -18.24
N SER B 7 21.69 -25.63 -17.06
CA SER B 7 22.27 -26.96 -16.86
C SER B 7 21.62 -27.69 -15.71
N GLY B 8 21.93 -28.99 -15.65
CA GLY B 8 21.45 -29.87 -14.58
C GLY B 8 20.05 -30.42 -14.78
N GLY B 9 19.66 -30.61 -16.04
CA GLY B 9 18.35 -31.17 -16.39
C GLY B 9 18.37 -32.67 -16.25
N GLY B 10 17.81 -33.38 -17.23
CA GLY B 10 17.89 -34.86 -17.30
C GLY B 10 16.78 -35.65 -16.64
N LEU B 11 17.11 -36.89 -16.24
CA LEU B 11 16.13 -37.86 -15.79
C LEU B 11 16.00 -37.90 -14.27
N VAL B 12 14.75 -37.97 -13.80
CA VAL B 12 14.41 -38.09 -12.37
C VAL B 12 13.24 -39.05 -12.17
N LYS B 13 13.38 -39.98 -11.22
CA LYS B 13 12.27 -40.85 -10.83
C LYS B 13 11.26 -40.05 -9.99
N PRO B 14 9.93 -40.28 -10.18
CA PRO B 14 8.87 -39.57 -9.41
C PRO B 14 9.11 -39.56 -7.90
N GLY B 15 8.90 -38.41 -7.28
CA GLY B 15 9.20 -38.22 -5.86
C GLY B 15 10.59 -37.68 -5.57
N GLY B 16 11.57 -37.98 -6.43
CA GLY B 16 12.95 -37.49 -6.25
C GLY B 16 13.11 -35.99 -6.42
N SER B 17 14.35 -35.56 -6.67
CA SER B 17 14.71 -34.15 -6.71
C SER B 17 15.68 -33.82 -7.84
N LEU B 18 15.88 -32.53 -8.08
CA LEU B 18 16.82 -32.04 -9.07
C LEU B 18 17.02 -30.52 -8.90
N ARG B 19 18.21 -30.01 -9.25
CA ARG B 19 18.57 -28.59 -9.11
C ARG B 19 19.02 -28.02 -10.46
N LEU B 20 18.22 -27.15 -11.06
CA LEU B 20 18.64 -26.45 -12.29
C LEU B 20 19.56 -25.29 -11.93
N SER B 21 20.43 -24.92 -12.87
CA SER B 21 21.38 -23.81 -12.66
C SER B 21 21.66 -23.08 -13.98
N CYS B 22 21.31 -21.79 -14.00
CA CYS B 22 21.40 -20.96 -15.19
C CYS B 22 22.51 -19.92 -15.06
N ALA B 23 23.54 -20.02 -15.90
CA ALA B 23 24.69 -19.12 -15.87
C ALA B 23 24.55 -17.93 -16.85
N ALA B 24 24.63 -16.71 -16.31
CA ALA B 24 24.38 -15.50 -17.05
C ALA B 24 25.68 -14.82 -17.46
N SER B 25 25.64 -14.13 -18.60
CA SER B 25 26.79 -13.36 -19.09
C SER B 25 26.38 -12.25 -20.06
N GLY B 26 27.16 -11.17 -20.07
CA GLY B 26 26.97 -10.07 -21.02
C GLY B 26 26.00 -9.00 -20.58
N PHE B 27 25.89 -8.79 -19.26
CA PHE B 27 25.12 -7.69 -18.65
C PHE B 27 25.43 -7.68 -17.16
N THR B 28 25.06 -6.60 -16.45
CA THR B 28 25.23 -6.57 -15.00
C THR B 28 24.07 -7.35 -14.37
N PHE B 29 24.35 -8.62 -14.03
CA PHE B 29 23.36 -9.58 -13.48
C PHE B 29 22.67 -9.10 -12.20
N SER B 30 23.39 -8.30 -11.41
CA SER B 30 22.85 -7.70 -10.18
C SER B 30 21.70 -6.73 -10.39
N SER B 31 21.49 -6.25 -11.62
CA SER B 31 20.43 -5.28 -11.92
C SER B 31 19.32 -5.83 -12.84
N TYR B 32 18.94 -7.10 -12.66
CA TYR B 32 17.92 -7.73 -13.52
C TYR B 32 17.08 -8.83 -12.84
N SER B 33 15.81 -8.94 -13.24
CA SER B 33 14.79 -9.73 -12.53
C SER B 33 14.55 -11.11 -13.15
N MET B 34 15.26 -12.10 -12.65
CA MET B 34 15.34 -13.43 -13.29
C MET B 34 14.11 -14.30 -13.03
N SER B 35 13.89 -15.30 -13.89
CA SER B 35 12.69 -16.16 -13.83
C SER B 35 12.89 -17.51 -14.50
N TRP B 36 12.01 -18.46 -14.21
CA TRP B 36 11.95 -19.75 -14.92
C TRP B 36 10.58 -19.94 -15.59
N VAL B 37 10.59 -20.12 -16.91
CA VAL B 37 9.39 -20.46 -17.69
C VAL B 37 9.59 -21.86 -18.24
N ARG B 38 8.62 -22.74 -18.03
CA ARG B 38 8.71 -24.11 -18.55
C ARG B 38 7.71 -24.37 -19.67
N GLN B 39 8.02 -25.39 -20.46
CA GLN B 39 7.21 -25.76 -21.61
C GLN B 39 7.22 -27.27 -21.77
N ALA B 40 6.11 -27.92 -21.41
CA ALA B 40 5.91 -29.34 -21.68
C ALA B 40 5.88 -29.59 -23.20
N PRO B 41 6.26 -30.81 -23.64
CA PRO B 41 6.53 -30.99 -25.06
C PRO B 41 5.28 -30.76 -25.89
N GLY B 42 5.39 -29.84 -26.86
CA GLY B 42 4.28 -29.46 -27.71
C GLY B 42 3.09 -28.88 -26.94
N LYS B 43 3.37 -28.05 -25.96
CA LYS B 43 2.35 -27.34 -25.21
C LYS B 43 2.75 -25.89 -25.13
N GLY B 44 1.86 -25.06 -24.58
CA GLY B 44 2.15 -23.64 -24.36
C GLY B 44 3.23 -23.38 -23.30
N LEU B 45 3.36 -22.10 -22.93
CA LEU B 45 4.37 -21.65 -21.97
C LEU B 45 3.77 -21.51 -20.57
N GLU B 46 4.44 -22.04 -19.54
CA GLU B 46 3.98 -21.91 -18.15
C GLU B 46 5.01 -21.22 -17.26
N TRP B 47 4.61 -20.14 -16.60
CA TRP B 47 5.46 -19.45 -15.66
C TRP B 47 5.65 -20.32 -14.42
N VAL B 48 6.89 -20.58 -14.04
CA VAL B 48 7.20 -21.37 -12.85
C VAL B 48 7.47 -20.49 -11.64
N SER B 49 8.46 -19.61 -11.76
CA SER B 49 8.92 -18.80 -10.64
C SER B 49 9.68 -17.55 -11.07
N SER B 50 9.79 -16.59 -10.17
CA SER B 50 10.56 -15.37 -10.41
C SER B 50 11.23 -14.85 -9.12
N ILE B 51 12.33 -14.12 -9.30
CA ILE B 51 13.13 -13.53 -8.20
C ILE B 51 13.68 -12.15 -8.63
N SER B 52 13.64 -11.19 -7.72
CA SER B 52 14.07 -9.82 -8.03
C SER B 52 15.59 -9.69 -8.07
N SER B 53 16.07 -8.53 -8.55
CA SER B 53 17.50 -8.22 -8.63
C SER B 53 18.29 -8.55 -7.36
N SER B 54 17.90 -7.95 -6.24
CA SER B 54 18.60 -8.12 -4.95
C SER B 54 18.17 -9.35 -4.13
N SER B 55 17.25 -10.15 -4.67
CA SER B 55 16.65 -11.32 -4.00
C SER B 55 15.60 -10.94 -2.95
N SER B 56 15.23 -9.66 -2.87
CA SER B 56 14.30 -9.19 -1.85
C SER B 56 12.81 -9.48 -2.16
N TYR B 57 12.49 -10.00 -3.37
CA TYR B 57 11.11 -10.34 -3.76
C TYR B 57 11.04 -11.65 -4.56
N ILE B 58 10.34 -12.67 -4.04
CA ILE B 58 10.19 -14.00 -4.67
C ILE B 58 8.69 -14.37 -4.89
N TYR B 59 8.41 -15.13 -5.95
CA TYR B 59 7.05 -15.62 -6.27
C TYR B 59 7.08 -17.04 -6.88
N TYR B 60 5.99 -17.79 -6.74
CA TYR B 60 5.85 -19.14 -7.32
C TYR B 60 4.44 -19.35 -7.93
N ALA B 61 4.29 -20.25 -8.89
CA ALA B 61 2.95 -20.67 -9.34
C ALA B 61 2.38 -21.65 -8.33
N ASP B 62 1.06 -21.78 -8.27
CA ASP B 62 0.39 -22.69 -7.29
C ASP B 62 0.67 -24.18 -7.49
N SER B 63 0.79 -24.61 -8.75
CA SER B 63 1.13 -25.99 -9.08
C SER B 63 2.50 -26.43 -8.53
N VAL B 64 3.43 -25.49 -8.36
CA VAL B 64 4.79 -25.81 -7.86
C VAL B 64 5.08 -25.37 -6.42
N LYS B 65 4.13 -24.72 -5.75
CA LYS B 65 4.44 -23.99 -4.52
C LYS B 65 4.77 -24.93 -3.37
N GLY B 66 5.86 -24.66 -2.66
CA GLY B 66 6.35 -25.56 -1.61
C GLY B 66 7.35 -26.57 -2.13
N ARG B 67 7.03 -27.20 -3.25
CA ARG B 67 7.89 -28.22 -3.90
C ARG B 67 9.16 -27.62 -4.50
N PHE B 68 9.04 -26.42 -5.08
CA PHE B 68 10.12 -25.74 -5.81
C PHE B 68 10.68 -24.59 -4.95
N THR B 69 11.97 -24.28 -5.11
CA THR B 69 12.63 -23.17 -4.39
C THR B 69 13.61 -22.42 -5.30
N ILE B 70 13.35 -21.14 -5.54
CA ILE B 70 14.20 -20.33 -6.41
C ILE B 70 15.26 -19.58 -5.59
N SER B 71 16.40 -19.30 -6.19
CA SER B 71 17.50 -18.59 -5.53
C SER B 71 18.52 -18.07 -6.55
N ARG B 72 19.39 -17.16 -6.12
CA ARG B 72 20.47 -16.63 -6.99
C ARG B 72 21.74 -16.31 -6.20
N ASP B 73 22.86 -16.25 -6.92
CA ASP B 73 24.14 -15.75 -6.40
C ASP B 73 24.62 -14.66 -7.37
N ASN B 74 24.41 -13.41 -7.00
CA ASN B 74 24.77 -12.26 -7.87
C ASN B 74 26.28 -12.13 -8.09
N ALA B 75 27.06 -12.42 -7.05
CA ALA B 75 28.53 -12.44 -7.13
C ALA B 75 29.04 -13.46 -8.16
N LYS B 76 28.32 -14.58 -8.31
CA LYS B 76 28.69 -15.66 -9.25
C LYS B 76 27.75 -15.77 -10.48
N ASN B 77 27.11 -14.67 -10.87
CA ASN B 77 26.25 -14.56 -12.06
C ASN B 77 25.41 -15.80 -12.40
N SER B 78 24.73 -16.36 -11.39
CA SER B 78 23.98 -17.61 -11.53
C SER B 78 22.60 -17.58 -10.83
N LEU B 79 21.67 -18.36 -11.41
CA LEU B 79 20.30 -18.50 -10.94
C LEU B 79 20.01 -19.99 -10.76
N TYR B 80 19.38 -20.33 -9.65
CA TYR B 80 19.16 -21.72 -9.27
C TYR B 80 17.67 -22.04 -9.08
N LEU B 81 17.33 -23.34 -9.12
CA LEU B 81 15.97 -23.81 -8.90
C LEU B 81 15.98 -25.21 -8.31
N GLN B 82 15.56 -25.31 -7.05
CA GLN B 82 15.55 -26.58 -6.32
C GLN B 82 14.19 -27.27 -6.40
N MET B 83 14.05 -28.17 -7.37
CA MET B 83 12.79 -28.87 -7.62
C MET B 83 12.77 -30.19 -6.82
N ASN B 84 11.94 -30.24 -5.78
CA ASN B 84 11.79 -31.42 -4.90
C ASN B 84 10.37 -31.97 -5.04
N SER B 85 10.22 -33.27 -4.77
CA SER B 85 8.92 -33.95 -4.88
C SER B 85 8.38 -33.85 -6.32
N LEU B 86 9.20 -34.26 -7.27
CA LEU B 86 8.88 -34.10 -8.69
C LEU B 86 7.81 -35.08 -9.17
N ARG B 87 7.10 -34.66 -10.22
CA ARG B 87 5.92 -35.36 -10.71
C ARG B 87 5.99 -35.46 -12.24
N ALA B 88 5.19 -36.38 -12.80
CA ALA B 88 5.00 -36.53 -14.27
C ALA B 88 4.67 -35.21 -14.97
N GLU B 89 3.84 -34.40 -14.31
CA GLU B 89 3.42 -33.06 -14.76
C GLU B 89 4.60 -32.08 -14.95
N ASP B 90 5.59 -32.17 -14.07
CA ASP B 90 6.77 -31.29 -14.14
C ASP B 90 7.66 -31.55 -15.34
N THR B 91 7.46 -32.68 -16.03
CA THR B 91 8.17 -33.00 -17.28
C THR B 91 7.95 -31.95 -18.39
N ALA B 92 9.04 -31.28 -18.76
CA ALA B 92 9.04 -30.13 -19.65
C ALA B 92 10.47 -29.59 -19.88
N VAL B 93 10.59 -28.68 -20.84
CA VAL B 93 11.78 -27.84 -20.98
C VAL B 93 11.68 -26.81 -19.87
N TYR B 94 12.80 -26.33 -19.36
CA TYR B 94 12.82 -25.24 -18.39
C TYR B 94 13.72 -24.13 -18.91
N TYR B 95 13.12 -23.08 -19.46
CA TYR B 95 13.87 -21.92 -19.94
C TYR B 95 14.15 -20.97 -18.79
N CYS B 96 15.42 -20.63 -18.60
CA CYS B 96 15.82 -19.54 -17.70
C CYS B 96 15.72 -18.23 -18.50
N ALA B 97 15.03 -17.25 -17.95
CA ALA B 97 14.76 -16.00 -18.66
C ALA B 97 15.01 -14.80 -17.76
N ARG B 98 15.62 -13.76 -18.32
CA ARG B 98 15.87 -12.54 -17.57
C ARG B 98 14.75 -11.57 -17.88
N GLY B 99 14.34 -10.86 -16.86
CA GLY B 99 13.21 -9.96 -16.99
C GLY B 99 13.49 -8.62 -17.62
N GLY B 100 12.93 -7.61 -16.96
CA GLY B 100 13.04 -6.23 -17.35
C GLY B 100 13.16 -5.29 -16.16
N ASP B 101 14.36 -4.71 -16.02
CA ASP B 101 14.64 -3.79 -14.94
C ASP B 101 14.45 -4.56 -13.64
N ALA B 102 15.09 -4.27 -12.56
CA ALA B 102 14.91 -5.21 -11.45
C ALA B 102 13.48 -5.78 -11.29
N TYR B 103 12.90 -5.53 -10.12
CA TYR B 103 11.60 -6.09 -9.70
C TYR B 103 10.31 -5.32 -10.01
N ASN B 104 10.02 -4.87 -11.24
CA ASN B 104 8.82 -4.10 -11.55
C ASN B 104 8.05 -4.70 -12.69
N TYR B 105 8.69 -4.78 -13.84
CA TYR B 105 8.09 -5.28 -15.05
C TYR B 105 8.75 -6.59 -15.45
N TYR B 106 7.95 -7.65 -15.52
CA TYR B 106 8.42 -8.98 -15.92
C TYR B 106 8.08 -9.23 -17.41
N TYR B 107 8.77 -8.46 -18.28
CA TYR B 107 8.70 -8.59 -19.75
C TYR B 107 9.20 -9.95 -20.22
N PHE B 108 10.29 -10.46 -19.63
CA PHE B 108 11.15 -11.54 -20.20
C PHE B 108 11.64 -11.19 -21.61
N ASP B 109 12.72 -10.42 -21.68
CA ASP B 109 13.26 -9.93 -22.96
C ASP B 109 14.32 -10.84 -23.60
N TYR B 110 15.05 -11.60 -22.79
CA TYR B 110 16.02 -12.58 -23.29
C TYR B 110 15.85 -13.91 -22.56
N TRP B 111 15.80 -14.98 -23.35
CA TRP B 111 15.49 -16.33 -22.88
C TRP B 111 16.66 -17.23 -23.19
N GLY B 112 16.87 -18.23 -22.34
CA GLY B 112 17.91 -19.22 -22.56
C GLY B 112 17.44 -20.25 -23.55
N GLN B 113 18.33 -21.14 -23.95
CA GLN B 113 17.98 -22.23 -24.85
C GLN B 113 17.06 -23.23 -24.13
N GLY B 114 17.28 -23.42 -22.84
CA GLY B 114 16.38 -24.19 -21.98
C GLY B 114 16.90 -25.59 -21.78
N THR B 115 16.61 -26.18 -20.61
CA THR B 115 17.09 -27.53 -20.23
C THR B 115 15.90 -28.49 -20.03
N LEU B 116 16.00 -29.67 -20.64
CA LEU B 116 14.90 -30.63 -20.61
C LEU B 116 14.97 -31.47 -19.33
N VAL B 117 13.84 -31.56 -18.61
CA VAL B 117 13.72 -32.33 -17.37
C VAL B 117 12.63 -33.38 -17.52
N THR B 118 13.00 -34.66 -17.46
CA THR B 118 12.06 -35.78 -17.62
C THR B 118 11.86 -36.47 -16.29
N VAL B 119 10.60 -36.78 -15.94
CA VAL B 119 10.25 -37.44 -14.68
C VAL B 119 9.57 -38.79 -14.96
N SER B 120 10.34 -39.86 -14.98
CA SER B 120 9.81 -41.23 -15.14
C SER B 120 10.72 -42.24 -14.47
N SER B 121 10.13 -43.24 -13.84
CA SER B 121 10.90 -44.27 -13.12
C SER B 121 11.57 -45.28 -14.05
N ALA B 122 11.24 -45.26 -15.35
CA ALA B 122 11.97 -46.06 -16.34
C ALA B 122 13.40 -45.53 -16.51
N SER B 123 14.35 -46.44 -16.79
CA SER B 123 15.80 -46.13 -16.78
C SER B 123 16.38 -45.67 -18.13
N THR B 124 17.61 -45.16 -18.05
CA THR B 124 18.30 -44.62 -19.21
C THR B 124 18.81 -45.75 -20.10
N LYS B 125 18.62 -45.59 -21.41
CA LYS B 125 19.24 -46.47 -22.41
C LYS B 125 19.68 -45.67 -23.62
N GLY B 126 20.89 -45.94 -24.10
CA GLY B 126 21.46 -45.24 -25.24
C GLY B 126 20.93 -45.80 -26.55
N PRO B 127 21.15 -45.07 -27.65
CA PRO B 127 20.63 -45.49 -28.95
C PRO B 127 21.54 -46.43 -29.70
N SER B 128 21.01 -46.98 -30.79
CA SER B 128 21.81 -47.57 -31.86
C SER B 128 21.59 -46.68 -33.08
N VAL B 129 22.60 -46.56 -33.93
CA VAL B 129 22.43 -45.82 -35.18
C VAL B 129 22.63 -46.78 -36.35
N PHE B 130 21.68 -46.74 -37.28
CA PHE B 130 21.69 -47.61 -38.47
C PHE B 130 21.52 -46.73 -39.72
N PRO B 131 22.23 -47.05 -40.81
CA PRO B 131 22.22 -46.18 -41.98
C PRO B 131 21.01 -46.39 -42.90
N LEU B 132 20.37 -45.29 -43.30
CA LEU B 132 19.39 -45.31 -44.37
C LEU B 132 20.16 -45.08 -45.64
N ALA B 133 20.63 -46.20 -46.20
CA ALA B 133 21.48 -46.23 -47.38
C ALA B 133 20.80 -45.57 -48.58
N PRO B 134 21.55 -44.75 -49.36
CA PRO B 134 20.97 -43.81 -50.32
C PRO B 134 20.22 -44.46 -51.46
N SER B 135 19.14 -43.79 -51.86
CA SER B 135 18.32 -44.21 -52.98
C SER B 135 19.04 -43.97 -54.34
N SER B 136 19.84 -44.96 -54.78
CA SER B 136 20.19 -45.09 -56.22
C SER B 136 18.97 -45.70 -56.97
N LYS B 137 17.89 -46.02 -56.24
CA LYS B 137 16.53 -46.23 -56.79
C LYS B 137 15.85 -44.95 -57.33
N SER B 138 16.32 -43.77 -56.91
CA SER B 138 15.88 -42.47 -57.47
C SER B 138 16.63 -42.13 -58.79
N THR B 139 16.29 -41.00 -59.40
CA THR B 139 16.87 -40.57 -60.68
C THR B 139 18.33 -40.05 -60.56
N SER B 140 19.20 -40.50 -61.48
CA SER B 140 20.55 -39.92 -61.62
C SER B 140 20.52 -38.50 -62.24
N GLY B 141 19.44 -38.17 -62.95
CA GLY B 141 19.10 -36.80 -63.41
C GLY B 141 19.75 -35.57 -62.77
N GLY B 142 19.49 -35.26 -61.50
CA GLY B 142 18.61 -36.03 -60.60
C GLY B 142 19.03 -35.90 -59.16
N THR B 143 18.03 -36.05 -58.28
CA THR B 143 18.17 -35.80 -56.83
C THR B 143 18.04 -37.10 -56.03
N ALA B 144 18.93 -37.29 -55.06
CA ALA B 144 18.97 -38.51 -54.24
C ALA B 144 18.97 -38.18 -52.75
N ALA B 145 18.35 -39.08 -51.97
CA ALA B 145 18.17 -38.90 -50.52
C ALA B 145 19.10 -39.84 -49.77
N LEU B 146 19.25 -39.58 -48.48
CA LEU B 146 20.21 -40.28 -47.64
C LEU B 146 19.90 -39.96 -46.19
N GLY B 147 20.13 -40.90 -45.28
CA GLY B 147 19.95 -40.59 -43.86
C GLY B 147 20.53 -41.58 -42.90
N CYS B 148 20.36 -41.33 -41.60
CA CYS B 148 20.62 -42.35 -40.57
C CYS B 148 19.56 -42.34 -39.45
N LEU B 149 19.19 -43.54 -39.00
CA LEU B 149 18.08 -43.76 -38.10
C LEU B 149 18.63 -44.07 -36.70
N VAL B 150 18.21 -43.28 -35.72
CA VAL B 150 18.60 -43.47 -34.32
C VAL B 150 17.48 -44.25 -33.63
N LYS B 151 17.77 -45.41 -33.07
CA LYS B 151 16.72 -46.28 -32.51
C LYS B 151 16.90 -46.64 -31.02
N ASP B 152 15.77 -46.81 -30.35
CA ASP B 152 15.67 -47.32 -28.97
C ASP B 152 16.49 -46.56 -27.93
N TYR B 153 16.08 -45.33 -27.64
CA TYR B 153 16.73 -44.51 -26.60
C TYR B 153 15.77 -43.84 -25.66
N PHE B 154 16.28 -43.54 -24.47
CA PHE B 154 15.52 -42.91 -23.40
C PHE B 154 16.48 -42.45 -22.29
N PRO B 155 16.28 -41.27 -21.67
CA PRO B 155 15.28 -40.29 -22.05
C PRO B 155 15.75 -39.49 -23.26
N GLU B 156 14.98 -38.49 -23.64
CA GLU B 156 15.44 -37.53 -24.65
C GLU B 156 16.49 -36.56 -24.06
N PRO B 157 17.22 -35.82 -24.89
CA PRO B 157 17.13 -35.85 -26.35
C PRO B 157 18.48 -36.15 -27.01
N VAL B 158 18.45 -36.24 -28.35
CA VAL B 158 19.66 -36.42 -29.15
C VAL B 158 19.87 -35.27 -30.13
N THR B 159 21.13 -34.92 -30.33
CA THR B 159 21.53 -34.01 -31.39
C THR B 159 22.06 -34.87 -32.53
N VAL B 160 21.76 -34.47 -33.76
CA VAL B 160 22.24 -35.17 -34.96
C VAL B 160 22.64 -34.18 -36.07
N SER B 161 23.94 -34.07 -36.34
CA SER B 161 24.47 -33.21 -37.40
C SER B 161 25.11 -34.08 -38.46
N TRP B 162 25.57 -33.45 -39.54
CA TRP B 162 26.20 -34.16 -40.67
C TRP B 162 27.60 -33.61 -41.01
N ASN B 163 28.57 -34.53 -41.18
CA ASN B 163 30.01 -34.22 -41.45
C ASN B 163 30.64 -33.24 -40.45
N SER B 164 30.48 -33.56 -39.17
CA SER B 164 30.90 -32.73 -38.04
C SER B 164 30.40 -31.28 -38.18
N GLY B 165 29.11 -31.15 -38.46
CA GLY B 165 28.46 -29.85 -38.60
C GLY B 165 28.65 -29.15 -39.94
N ALA B 166 29.39 -29.75 -40.87
CA ALA B 166 29.76 -29.10 -42.13
C ALA B 166 28.57 -29.00 -43.09
N LEU B 167 27.99 -30.16 -43.37
CA LEU B 167 26.80 -30.26 -44.22
C LEU B 167 25.56 -29.87 -43.42
N THR B 168 24.84 -28.88 -43.92
CA THR B 168 23.58 -28.45 -43.31
C THR B 168 22.44 -28.08 -44.29
N SER B 169 22.75 -27.80 -45.55
CA SER B 169 21.74 -27.38 -46.53
C SER B 169 20.84 -28.56 -46.92
N GLY B 170 19.52 -28.32 -46.94
CA GLY B 170 18.53 -29.35 -47.33
C GLY B 170 18.41 -30.55 -46.41
N VAL B 171 18.93 -30.43 -45.19
CA VAL B 171 18.90 -31.48 -44.19
C VAL B 171 17.58 -31.39 -43.43
N HIS B 172 16.99 -32.54 -43.14
CA HIS B 172 15.78 -32.63 -42.31
C HIS B 172 15.95 -33.73 -41.27
N THR B 173 16.31 -33.32 -40.06
CA THR B 173 16.16 -34.17 -38.88
C THR B 173 14.71 -33.99 -38.42
N PHE B 174 14.04 -35.10 -38.14
CA PHE B 174 12.65 -35.11 -37.70
C PHE B 174 12.60 -34.96 -36.18
N PRO B 175 11.40 -34.75 -35.60
CA PRO B 175 11.30 -34.88 -34.14
C PRO B 175 11.14 -36.33 -33.78
N ALA B 176 11.49 -36.68 -32.54
CA ALA B 176 11.45 -38.07 -32.11
C ALA B 176 10.01 -38.61 -32.13
N VAL B 177 9.88 -39.94 -32.11
CA VAL B 177 8.56 -40.59 -32.00
C VAL B 177 8.66 -41.69 -30.97
N LEU B 178 7.65 -41.76 -30.09
CA LEU B 178 7.65 -42.71 -28.98
C LEU B 178 7.06 -44.06 -29.43
N GLN B 179 7.60 -45.15 -28.87
CA GLN B 179 7.27 -46.52 -29.30
C GLN B 179 6.52 -47.32 -28.23
N SER B 180 5.96 -48.47 -28.65
CA SER B 180 5.41 -49.49 -27.75
C SER B 180 6.29 -49.72 -26.54
N SER B 181 7.57 -49.97 -26.82
CA SER B 181 8.54 -50.32 -25.78
C SER B 181 8.80 -49.21 -24.75
N GLY B 182 8.37 -47.97 -25.05
CA GLY B 182 8.63 -46.82 -24.19
C GLY B 182 10.04 -46.32 -24.43
N LEU B 183 10.41 -46.28 -25.71
CA LEU B 183 11.72 -45.84 -26.15
C LEU B 183 11.52 -44.96 -27.38
N TYR B 184 12.39 -43.98 -27.55
CA TYR B 184 12.29 -43.02 -28.65
C TYR B 184 13.07 -43.49 -29.88
N SER B 185 12.55 -43.11 -31.06
CA SER B 185 13.22 -43.36 -32.35
C SER B 185 13.21 -42.09 -33.19
N LEU B 186 14.19 -41.98 -34.07
CA LEU B 186 14.48 -40.73 -34.77
C LEU B 186 15.14 -40.96 -36.12
N SER B 187 14.59 -40.33 -37.14
CA SER B 187 15.18 -40.31 -38.46
C SER B 187 15.87 -38.97 -38.65
N SER B 188 17.09 -38.99 -39.17
CA SER B 188 17.80 -37.80 -39.64
C SER B 188 18.18 -38.01 -41.12
N VAL B 189 17.85 -37.05 -41.96
CA VAL B 189 17.76 -37.25 -43.41
C VAL B 189 18.38 -36.05 -44.14
N VAL B 190 18.80 -36.23 -45.41
CA VAL B 190 19.39 -35.14 -46.22
C VAL B 190 19.25 -35.33 -47.76
N THR B 191 18.89 -34.24 -48.45
CA THR B 191 18.81 -34.18 -49.92
C THR B 191 20.17 -33.77 -50.47
N VAL B 192 20.69 -34.54 -51.44
CA VAL B 192 21.89 -34.15 -52.18
C VAL B 192 21.72 -34.33 -53.71
N PRO B 193 22.56 -33.65 -54.51
CA PRO B 193 22.66 -33.99 -55.93
C PRO B 193 23.19 -35.41 -56.10
N SER B 194 22.50 -36.23 -56.89
CA SER B 194 22.85 -37.65 -57.06
C SER B 194 24.27 -37.86 -57.58
N SER B 195 24.75 -36.92 -58.39
CA SER B 195 26.11 -36.91 -58.97
C SER B 195 27.25 -36.91 -57.95
N SER B 196 27.07 -36.19 -56.84
CA SER B 196 28.09 -36.12 -55.77
C SER B 196 28.14 -37.35 -54.86
N LEU B 197 27.21 -38.29 -55.04
CA LEU B 197 27.14 -39.52 -54.24
C LEU B 197 28.41 -40.36 -54.37
N GLY B 198 28.92 -40.51 -55.58
CA GLY B 198 30.16 -41.24 -55.82
C GLY B 198 31.39 -40.55 -55.26
N THR B 199 31.46 -39.22 -55.43
CA THR B 199 32.69 -38.46 -55.16
C THR B 199 32.93 -38.07 -53.70
N GLN B 200 31.87 -37.66 -52.97
CA GLN B 200 32.02 -37.08 -51.62
C GLN B 200 31.46 -37.93 -50.46
N THR B 201 32.17 -37.92 -49.34
CA THR B 201 31.79 -38.68 -48.12
C THR B 201 30.66 -38.00 -47.28
N TYR B 202 29.79 -38.82 -46.67
CA TYR B 202 28.68 -38.38 -45.78
C TYR B 202 28.63 -39.20 -44.48
N ILE B 203 28.69 -38.50 -43.34
CA ILE B 203 28.72 -39.14 -42.01
C ILE B 203 27.79 -38.38 -41.05
N CYS B 204 26.92 -39.08 -40.33
CA CYS B 204 26.05 -38.43 -39.33
C CYS B 204 26.61 -38.53 -37.91
N ASN B 205 26.58 -37.40 -37.19
CA ASN B 205 27.11 -37.30 -35.81
C ASN B 205 25.95 -37.28 -34.84
N VAL B 206 25.74 -38.41 -34.18
CA VAL B 206 24.62 -38.59 -33.25
C VAL B 206 25.19 -38.52 -31.84
N ASN B 207 24.52 -37.73 -30.99
CA ASN B 207 24.93 -37.55 -29.59
C ASN B 207 23.75 -37.57 -28.62
N HIS B 208 23.67 -38.68 -27.88
CA HIS B 208 22.73 -38.88 -26.78
C HIS B 208 23.44 -38.66 -25.45
N LYS B 209 23.17 -37.51 -24.85
CA LYS B 209 23.98 -37.02 -23.73
C LYS B 209 23.83 -37.82 -22.41
N PRO B 210 22.59 -38.20 -22.02
CA PRO B 210 22.38 -38.91 -20.75
C PRO B 210 23.19 -40.19 -20.62
N SER B 211 23.21 -40.97 -21.69
CA SER B 211 23.91 -42.27 -21.71
C SER B 211 25.40 -42.23 -22.14
N ASN B 212 25.97 -41.03 -22.29
CA ASN B 212 27.37 -40.83 -22.77
C ASN B 212 27.62 -41.44 -24.14
N THR B 213 26.57 -41.58 -24.94
CA THR B 213 26.64 -42.30 -26.21
C THR B 213 26.81 -41.29 -27.34
N LYS B 214 28.04 -41.18 -27.83
CA LYS B 214 28.36 -40.36 -29.01
C LYS B 214 28.78 -41.35 -30.10
N VAL B 215 28.13 -41.24 -31.27
CA VAL B 215 28.45 -42.08 -32.42
C VAL B 215 28.55 -41.22 -33.65
N ASP B 216 29.51 -41.54 -34.50
CA ASP B 216 29.64 -40.96 -35.83
C ASP B 216 29.52 -42.11 -36.85
N LYS B 217 28.52 -42.06 -37.73
CA LYS B 217 28.22 -43.18 -38.64
C LYS B 217 28.35 -42.77 -40.09
N ARG B 218 29.24 -43.43 -40.83
CA ARG B 218 29.35 -43.20 -42.28
C ARG B 218 28.17 -43.84 -42.99
N VAL B 219 27.77 -43.26 -44.12
CA VAL B 219 26.58 -43.71 -44.86
C VAL B 219 26.88 -43.88 -46.36
N GLU B 220 26.91 -45.14 -46.82
CA GLU B 220 27.30 -45.46 -48.20
C GLU B 220 26.20 -46.20 -48.98
N PRO B 221 26.23 -46.13 -50.32
CA PRO B 221 25.31 -46.92 -51.18
C PRO B 221 25.69 -48.42 -51.33
N LYS B 222 24.68 -49.29 -51.40
CA LYS B 222 24.89 -50.70 -51.79
C LYS B 222 24.86 -50.83 -53.31
N SER B 223 25.49 -51.89 -53.82
CA SER B 223 25.66 -52.11 -55.27
C SER B 223 25.60 -53.61 -55.66
N CYS B 224 25.73 -53.91 -56.97
CA CYS B 224 25.56 -55.29 -57.50
C CYS B 224 26.19 -55.48 -58.88
N ASP C 1 -5.66 -14.64 -10.51
CA ASP C 1 -5.32 -15.38 -11.76
C ASP C 1 -5.97 -14.69 -12.95
N ILE C 2 -5.19 -13.90 -13.68
CA ILE C 2 -5.64 -13.24 -14.90
C ILE C 2 -5.59 -14.27 -16.02
N VAL C 3 -6.75 -14.82 -16.38
CA VAL C 3 -6.82 -15.88 -17.36
C VAL C 3 -6.76 -15.27 -18.76
N MET C 4 -5.91 -15.85 -19.60
CA MET C 4 -5.61 -15.33 -20.94
C MET C 4 -6.26 -16.17 -22.05
N THR C 5 -7.02 -15.50 -22.92
CA THR C 5 -7.66 -16.15 -24.06
C THR C 5 -6.98 -15.67 -25.34
N GLN C 6 -6.61 -16.59 -26.22
CA GLN C 6 -6.18 -16.22 -27.57
C GLN C 6 -7.13 -16.82 -28.60
N THR C 7 -7.39 -16.04 -29.66
CA THR C 7 -8.16 -16.48 -30.82
C THR C 7 -7.59 -15.83 -32.11
N PRO C 8 -7.44 -16.58 -33.21
CA PRO C 8 -7.69 -18.02 -33.30
C PRO C 8 -6.50 -18.83 -32.84
N LEU C 9 -6.62 -20.16 -32.88
CA LEU C 9 -5.50 -21.06 -32.62
C LEU C 9 -4.68 -21.35 -33.89
N SER C 10 -5.34 -21.33 -35.06
CA SER C 10 -4.67 -21.47 -36.35
C SER C 10 -4.84 -20.24 -37.21
N LEU C 11 -3.77 -19.85 -37.87
CA LEU C 11 -3.82 -18.80 -38.88
C LEU C 11 -3.01 -19.28 -40.09
N SER C 12 -3.59 -19.21 -41.28
CA SER C 12 -2.90 -19.62 -42.50
C SER C 12 -3.15 -18.59 -43.58
N VAL C 13 -2.09 -17.88 -43.96
CA VAL C 13 -2.19 -16.75 -44.89
C VAL C 13 -1.01 -16.68 -45.85
N THR C 14 -1.29 -16.14 -47.05
CA THR C 14 -0.29 -15.99 -48.12
C THR C 14 0.68 -14.85 -47.74
N PRO C 15 2.01 -15.06 -47.92
CA PRO C 15 2.95 -14.03 -47.49
C PRO C 15 2.86 -12.77 -48.33
N GLY C 16 2.73 -11.62 -47.67
CA GLY C 16 2.38 -10.36 -48.31
C GLY C 16 1.02 -9.87 -47.84
N GLN C 17 0.09 -10.80 -47.65
CA GLN C 17 -1.18 -10.50 -46.97
C GLN C 17 -0.91 -10.19 -45.49
N PRO C 18 -1.70 -9.26 -44.90
CA PRO C 18 -1.62 -9.04 -43.45
C PRO C 18 -2.44 -10.07 -42.64
N ALA C 19 -2.12 -10.18 -41.36
CA ALA C 19 -2.76 -11.14 -40.46
C ALA C 19 -2.66 -10.71 -39.00
N SER C 20 -3.69 -11.02 -38.22
CA SER C 20 -3.78 -10.57 -36.84
C SER C 20 -4.34 -11.64 -35.87
N ILE C 21 -3.97 -11.48 -34.59
CA ILE C 21 -4.28 -12.41 -33.49
C ILE C 21 -4.81 -11.62 -32.29
N SER C 22 -6.00 -11.96 -31.81
CA SER C 22 -6.58 -11.28 -30.63
C SER C 22 -6.23 -11.98 -29.32
N CYS C 23 -5.93 -11.17 -28.30
CA CYS C 23 -5.69 -11.63 -26.92
C CYS C 23 -6.78 -10.99 -26.04
N LYS C 24 -7.32 -11.78 -25.10
CA LYS C 24 -8.30 -11.29 -24.12
C LYS C 24 -7.88 -11.70 -22.71
N SER C 25 -8.24 -10.90 -21.71
CA SER C 25 -7.89 -11.20 -20.32
C SER C 25 -9.09 -11.06 -19.37
N SER C 26 -9.23 -12.04 -18.47
CA SER C 26 -10.37 -12.13 -17.55
C SER C 26 -10.54 -10.91 -16.65
N GLN C 27 -9.42 -10.27 -16.31
CA GLN C 27 -9.43 -9.02 -15.58
C GLN C 27 -8.56 -8.04 -16.36
N SER C 28 -8.84 -6.74 -16.20
CA SER C 28 -8.16 -5.70 -16.98
C SER C 28 -6.68 -5.62 -16.63
N VAL C 29 -5.89 -5.17 -17.60
CA VAL C 29 -4.43 -5.10 -17.49
C VAL C 29 -3.95 -3.65 -17.64
N PHE C 30 -4.89 -2.70 -17.59
CA PHE C 30 -4.58 -1.29 -17.74
C PHE C 30 -4.09 -0.77 -16.41
N PHE C 31 -2.99 -0.01 -16.46
CA PHE C 31 -2.34 0.57 -15.28
C PHE C 31 -2.52 2.09 -15.34
N ARG C 32 -3.26 2.66 -14.38
CA ARG C 32 -3.52 4.10 -14.38
C ARG C 32 -2.24 4.90 -14.10
N SER C 33 -1.44 4.43 -13.15
CA SER C 33 -0.23 5.13 -12.69
C SER C 33 0.70 5.65 -13.80
N ASN C 34 0.97 4.81 -14.81
CA ASN C 34 1.77 5.21 -16.00
C ASN C 34 1.00 5.15 -17.34
N ASN C 35 -0.32 4.95 -17.27
CA ASN C 35 -1.23 5.01 -18.43
C ASN C 35 -0.83 4.07 -19.57
N LYS C 36 -0.48 2.84 -19.22
CA LYS C 36 -0.16 1.81 -20.20
C LYS C 36 -0.76 0.47 -19.79
N ASN C 37 -1.07 -0.36 -20.79
CA ASN C 37 -1.50 -1.74 -20.57
C ASN C 37 -0.27 -2.62 -20.46
N ILE C 38 -0.33 -3.57 -19.54
CA ILE C 38 0.87 -4.31 -19.09
C ILE C 38 0.81 -5.74 -19.64
N LEU C 39 0.81 -5.79 -20.98
CA LEU C 39 0.81 -7.01 -21.74
C LEU C 39 2.12 -7.08 -22.54
N ALA C 40 2.51 -8.29 -22.92
CA ALA C 40 3.70 -8.54 -23.74
C ALA C 40 3.39 -9.61 -24.79
N TRP C 41 4.11 -9.58 -25.91
CA TRP C 41 3.92 -10.50 -27.03
C TRP C 41 5.21 -11.20 -27.40
N TYR C 42 5.14 -12.50 -27.74
CA TYR C 42 6.32 -13.27 -28.12
C TYR C 42 6.10 -14.10 -29.38
N LEU C 43 7.20 -14.38 -30.08
CA LEU C 43 7.23 -15.36 -31.16
C LEU C 43 8.20 -16.46 -30.79
N GLN C 44 7.67 -17.66 -30.58
CA GLN C 44 8.48 -18.88 -30.49
C GLN C 44 8.61 -19.46 -31.89
N LYS C 45 9.75 -19.19 -32.52
CA LYS C 45 10.14 -19.80 -33.79
C LYS C 45 10.49 -21.26 -33.52
N PRO C 46 10.16 -22.17 -34.46
CA PRO C 46 10.40 -23.60 -34.17
C PRO C 46 11.91 -23.89 -34.12
N GLY C 47 12.29 -24.79 -33.23
CA GLY C 47 13.70 -25.07 -32.96
C GLY C 47 14.44 -23.89 -32.34
N GLN C 48 13.73 -23.12 -31.53
CA GLN C 48 14.32 -21.98 -30.83
C GLN C 48 13.57 -21.80 -29.50
N PRO C 49 14.09 -20.92 -28.63
CA PRO C 49 13.26 -20.43 -27.53
C PRO C 49 12.36 -19.29 -28.00
N PRO C 50 11.46 -18.79 -27.14
CA PRO C 50 10.73 -17.57 -27.45
C PRO C 50 11.60 -16.32 -27.52
N GLN C 51 11.16 -15.35 -28.30
CA GLN C 51 11.77 -14.03 -28.38
C GLN C 51 10.69 -13.02 -28.05
N LEU C 52 11.10 -11.89 -27.47
CA LEU C 52 10.16 -10.84 -27.14
C LEU C 52 9.88 -10.01 -28.39
N LEU C 53 8.61 -9.92 -28.80
CA LEU C 53 8.22 -8.99 -29.87
C LEU C 53 7.94 -7.60 -29.30
N ILE C 54 7.00 -7.52 -28.35
CA ILE C 54 6.45 -6.24 -27.87
C ILE C 54 6.26 -6.20 -26.35
N TYR C 55 6.64 -5.10 -25.70
CA TYR C 55 6.27 -4.80 -24.30
C TYR C 55 5.36 -3.56 -24.24
N TRP C 56 4.73 -3.34 -23.08
CA TRP C 56 3.64 -2.34 -22.91
C TRP C 56 2.46 -2.52 -23.89
N ALA C 57 2.22 -3.75 -24.35
CA ALA C 57 1.18 -4.06 -25.35
C ALA C 57 1.30 -3.40 -26.73
N SER C 58 2.10 -2.34 -26.87
CA SER C 58 2.31 -1.71 -28.18
C SER C 58 3.75 -1.31 -28.56
N SER C 59 4.68 -1.25 -27.61
CA SER C 59 6.07 -0.82 -27.89
C SER C 59 6.96 -2.00 -28.28
N ARG C 60 7.64 -1.89 -29.42
CA ARG C 60 8.52 -2.98 -29.89
C ARG C 60 9.83 -3.05 -29.11
N GLU C 61 10.49 -4.20 -29.25
CA GLU C 61 11.83 -4.38 -28.77
C GLU C 61 12.77 -4.14 -29.93
N SER C 62 14.01 -3.78 -29.60
CA SER C 62 15.11 -3.69 -30.56
C SER C 62 15.23 -4.95 -31.43
N GLY C 63 15.29 -4.77 -32.75
CA GLY C 63 15.40 -5.89 -33.69
C GLY C 63 14.11 -6.28 -34.36
N VAL C 64 12.97 -6.02 -33.72
CA VAL C 64 11.66 -6.48 -34.19
C VAL C 64 11.13 -5.57 -35.31
N PRO C 65 10.99 -6.09 -36.54
CA PRO C 65 10.73 -5.16 -37.65
C PRO C 65 9.35 -4.49 -37.72
N ASP C 66 9.23 -3.61 -38.72
CA ASP C 66 8.11 -2.69 -38.92
C ASP C 66 6.73 -3.33 -38.88
N ARG C 67 6.60 -4.46 -39.54
CA ARG C 67 5.30 -5.17 -39.69
C ARG C 67 4.56 -5.49 -38.39
N PHE C 68 5.31 -5.79 -37.32
CA PHE C 68 4.75 -6.22 -36.03
C PHE C 68 4.30 -5.02 -35.21
N SER C 69 3.01 -4.98 -34.89
CA SER C 69 2.43 -3.87 -34.16
C SER C 69 1.28 -4.34 -33.27
N GLY C 70 1.43 -4.13 -31.96
CA GLY C 70 0.38 -4.44 -30.98
C GLY C 70 -0.60 -3.28 -30.84
N SER C 71 -1.84 -3.60 -30.48
CA SER C 71 -2.90 -2.59 -30.36
C SER C 71 -4.00 -3.01 -29.38
N GLY C 72 -4.89 -2.07 -29.05
CA GLY C 72 -6.01 -2.28 -28.12
C GLY C 72 -5.82 -1.66 -26.75
N SER C 73 -6.64 -2.08 -25.79
CA SER C 73 -6.58 -1.60 -24.41
C SER C 73 -7.49 -2.41 -23.50
N GLY C 74 -7.32 -2.22 -22.20
CA GLY C 74 -8.21 -2.79 -21.18
C GLY C 74 -8.08 -4.30 -21.03
N THR C 75 -9.07 -5.02 -21.57
CA THR C 75 -9.09 -6.50 -21.61
C THR C 75 -8.84 -7.09 -22.99
N ASP C 76 -9.12 -6.31 -24.04
CA ASP C 76 -9.16 -6.79 -25.41
C ASP C 76 -8.01 -6.15 -26.22
N PHE C 77 -7.13 -6.98 -26.76
CA PHE C 77 -5.96 -6.55 -27.55
C PHE C 77 -5.83 -7.32 -28.85
N THR C 78 -5.05 -6.77 -29.77
CA THR C 78 -4.83 -7.41 -31.07
C THR C 78 -3.42 -7.15 -31.61
N LEU C 79 -2.64 -8.23 -31.74
CA LEU C 79 -1.34 -8.19 -32.40
C LEU C 79 -1.57 -8.25 -33.90
N LYS C 80 -0.93 -7.35 -34.64
CA LYS C 80 -1.06 -7.29 -36.10
C LYS C 80 0.28 -7.43 -36.78
N ILE C 81 0.23 -8.02 -37.98
CA ILE C 81 1.39 -8.20 -38.84
C ILE C 81 1.00 -7.75 -40.26
N SER C 82 1.40 -6.52 -40.63
CA SER C 82 1.18 -6.04 -41.99
C SER C 82 2.24 -6.67 -42.89
N ARG C 83 1.83 -7.37 -43.95
CA ARG C 83 2.78 -8.06 -44.86
C ARG C 83 3.58 -9.17 -44.14
N VAL C 84 2.98 -10.35 -44.06
CA VAL C 84 3.62 -11.54 -43.46
C VAL C 84 4.74 -12.01 -44.41
N GLU C 85 5.93 -12.27 -43.87
CA GLU C 85 7.03 -12.85 -44.64
C GLU C 85 7.25 -14.33 -44.29
N ALA C 86 7.90 -15.04 -45.21
CA ALA C 86 8.01 -16.50 -45.16
C ALA C 86 8.76 -17.07 -43.94
N GLU C 87 9.61 -16.25 -43.31
CA GLU C 87 10.34 -16.67 -42.11
C GLU C 87 9.61 -16.44 -40.76
N ASP C 88 8.53 -15.64 -40.79
CA ASP C 88 7.74 -15.33 -39.59
C ASP C 88 7.07 -16.55 -38.91
N VAL C 89 7.02 -17.67 -39.63
CA VAL C 89 6.60 -18.98 -39.12
C VAL C 89 6.91 -19.17 -37.64
N GLY C 90 5.87 -19.51 -36.89
CA GLY C 90 6.02 -19.92 -35.50
C GLY C 90 4.71 -20.00 -34.76
N VAL C 91 4.82 -19.87 -33.43
CA VAL C 91 3.69 -19.76 -32.55
C VAL C 91 3.82 -18.42 -31.85
N TYR C 92 2.71 -17.68 -31.78
CA TYR C 92 2.65 -16.37 -31.14
C TYR C 92 1.91 -16.42 -29.79
N TYR C 93 2.55 -15.89 -28.74
CA TYR C 93 2.03 -15.89 -27.36
C TYR C 93 1.83 -14.48 -26.80
N CYS C 94 0.75 -14.27 -26.03
CA CYS C 94 0.59 -13.06 -25.17
C CYS C 94 0.72 -13.38 -23.66
N GLN C 95 1.54 -12.57 -22.97
CA GLN C 95 1.75 -12.64 -21.52
C GLN C 95 1.35 -11.34 -20.85
N GLN C 96 0.78 -11.44 -19.66
CA GLN C 96 0.55 -10.28 -18.79
C GLN C 96 1.61 -10.29 -17.69
N TYR C 97 2.10 -9.09 -17.34
CA TYR C 97 2.97 -8.88 -16.17
C TYR C 97 2.37 -7.82 -15.23
N PHE C 98 1.03 -7.81 -15.18
CA PHE C 98 0.24 -6.97 -14.29
C PHE C 98 0.31 -7.51 -12.86
N GLY C 99 0.28 -8.82 -12.70
CA GLY C 99 0.40 -9.41 -11.37
C GLY C 99 0.63 -10.90 -11.32
N SER C 100 1.20 -11.35 -10.20
CA SER C 100 1.27 -12.77 -9.81
C SER C 100 -0.14 -13.43 -9.90
N PRO C 101 -0.25 -14.66 -10.43
CA PRO C 101 0.80 -15.38 -11.12
C PRO C 101 0.90 -14.85 -12.53
N PHE C 102 2.12 -14.78 -13.03
CA PHE C 102 2.35 -14.25 -14.37
C PHE C 102 1.90 -15.29 -15.40
N THR C 103 0.85 -14.98 -16.18
CA THR C 103 0.20 -15.98 -17.03
C THR C 103 0.48 -15.74 -18.49
N PHE C 104 0.51 -16.82 -19.26
CA PHE C 104 0.54 -16.75 -20.74
C PHE C 104 -0.81 -17.16 -21.33
N GLY C 105 -1.02 -16.84 -22.60
CA GLY C 105 -2.12 -17.42 -23.38
C GLY C 105 -1.71 -18.78 -23.95
N PRO C 106 -2.62 -19.43 -24.69
CA PRO C 106 -2.35 -20.78 -25.22
C PRO C 106 -1.30 -20.83 -26.31
N GLY C 107 -1.34 -19.84 -27.21
CA GLY C 107 -0.52 -19.83 -28.42
C GLY C 107 -1.38 -19.84 -29.67
N THR C 108 -0.87 -19.21 -30.73
CA THR C 108 -1.52 -19.18 -32.02
C THR C 108 -0.50 -19.57 -33.09
N LYS C 109 -0.73 -20.71 -33.75
CA LYS C 109 0.18 -21.24 -34.77
C LYS C 109 -0.11 -20.60 -36.14
N VAL C 110 0.91 -19.93 -36.67
CA VAL C 110 0.82 -19.27 -37.96
C VAL C 110 1.57 -20.12 -38.98
N ASP C 111 0.84 -20.46 -40.04
CA ASP C 111 1.33 -21.22 -41.20
C ASP C 111 1.48 -20.24 -42.39
N ILE C 112 2.57 -20.40 -43.14
CA ILE C 112 2.79 -19.65 -44.37
C ILE C 112 2.10 -20.41 -45.50
N LYS C 113 1.28 -19.69 -46.28
CA LYS C 113 0.63 -20.27 -47.44
C LYS C 113 1.59 -20.18 -48.64
N ARG C 114 2.31 -21.27 -48.86
CA ARG C 114 3.19 -21.45 -50.03
C ARG C 114 2.32 -21.95 -51.18
N THR C 115 2.80 -21.77 -52.42
CA THR C 115 2.17 -22.42 -53.58
C THR C 115 2.16 -23.96 -53.40
N VAL C 116 1.25 -24.63 -54.10
CA VAL C 116 1.08 -26.08 -53.95
C VAL C 116 2.40 -26.77 -54.36
N ALA C 117 2.85 -27.73 -53.55
CA ALA C 117 4.16 -28.35 -53.72
C ALA C 117 4.12 -29.84 -53.40
N ALA C 118 4.27 -30.68 -54.42
CA ALA C 118 4.20 -32.15 -54.27
C ALA C 118 5.46 -32.69 -53.61
N PRO C 119 5.32 -33.75 -52.80
CA PRO C 119 6.47 -34.26 -52.07
C PRO C 119 7.39 -35.09 -52.97
N SER C 120 8.70 -35.00 -52.72
CA SER C 120 9.67 -35.92 -53.32
C SER C 120 9.64 -37.20 -52.47
N VAL C 121 9.35 -38.33 -53.11
CA VAL C 121 9.12 -39.58 -52.37
C VAL C 121 10.30 -40.54 -52.48
N PHE C 122 10.77 -41.02 -51.33
CA PHE C 122 11.88 -41.99 -51.24
C PHE C 122 11.51 -43.11 -50.30
N ILE C 123 12.16 -44.26 -50.50
CA ILE C 123 11.97 -45.42 -49.62
C ILE C 123 13.33 -46.02 -49.29
N PHE C 124 13.45 -46.54 -48.06
CA PHE C 124 14.69 -47.06 -47.53
C PHE C 124 14.44 -48.41 -46.84
N PRO C 125 15.07 -49.49 -47.33
CA PRO C 125 14.98 -50.77 -46.62
C PRO C 125 15.74 -50.73 -45.31
N PRO C 126 15.51 -51.72 -44.44
CA PRO C 126 16.24 -51.74 -43.18
C PRO C 126 17.69 -52.13 -43.43
N SER C 127 18.58 -51.65 -42.57
CA SER C 127 19.99 -51.98 -42.67
C SER C 127 20.25 -53.41 -42.28
N ASP C 128 21.19 -54.06 -42.96
CA ASP C 128 21.58 -55.45 -42.64
C ASP C 128 22.06 -55.53 -41.19
N GLU C 129 22.72 -54.46 -40.74
CA GLU C 129 23.28 -54.37 -39.39
C GLU C 129 22.20 -54.46 -38.31
N GLN C 130 21.12 -53.70 -38.46
CA GLN C 130 19.98 -53.75 -37.51
C GLN C 130 19.23 -55.06 -37.63
N LEU C 131 19.12 -55.56 -38.86
CA LEU C 131 18.38 -56.78 -39.17
C LEU C 131 18.87 -57.96 -38.34
N LYS C 132 20.20 -58.09 -38.24
CA LYS C 132 20.82 -59.07 -37.35
C LYS C 132 20.43 -58.93 -35.88
N SER C 133 20.28 -57.69 -35.41
CA SER C 133 19.85 -57.41 -34.03
C SER C 133 18.43 -57.92 -33.67
N GLY C 134 17.62 -58.20 -34.69
CA GLY C 134 16.36 -58.91 -34.53
C GLY C 134 15.10 -58.17 -34.91
N THR C 135 15.23 -56.89 -35.29
CA THR C 135 14.08 -56.08 -35.71
C THR C 135 14.40 -55.35 -37.01
N ALA C 136 13.38 -55.22 -37.87
CA ALA C 136 13.54 -54.59 -39.18
C ALA C 136 12.66 -53.36 -39.27
N SER C 137 13.30 -52.20 -39.50
CA SER C 137 12.61 -50.90 -39.60
C SER C 137 12.67 -50.37 -41.03
N VAL C 138 11.51 -50.22 -41.66
CA VAL C 138 11.42 -49.69 -43.01
C VAL C 138 10.96 -48.26 -42.90
N VAL C 139 11.65 -47.36 -43.58
CA VAL C 139 11.36 -45.93 -43.53
C VAL C 139 11.01 -45.38 -44.92
N CYS C 140 9.94 -44.61 -44.97
CA CYS C 140 9.53 -43.91 -46.16
C CYS C 140 9.65 -42.41 -45.89
N LEU C 141 10.24 -41.68 -46.83
CA LEU C 141 10.43 -40.23 -46.70
C LEU C 141 9.60 -39.48 -47.73
N LEU C 142 8.87 -38.47 -47.26
CA LEU C 142 8.30 -37.43 -48.13
C LEU C 142 9.06 -36.16 -47.77
N ASN C 143 9.66 -35.51 -48.76
CA ASN C 143 10.48 -34.31 -48.52
C ASN C 143 9.84 -33.08 -49.16
N ASN C 144 9.88 -31.96 -48.43
CA ASN C 144 9.50 -30.63 -48.94
C ASN C 144 8.16 -30.59 -49.68
N PHE C 145 7.06 -30.40 -48.95
CA PHE C 145 5.72 -30.31 -49.55
C PHE C 145 4.81 -29.29 -48.86
N TYR C 146 3.74 -28.92 -49.57
CA TYR C 146 2.70 -28.01 -49.06
C TYR C 146 1.40 -28.23 -49.86
N PRO C 147 0.23 -28.36 -49.22
CA PRO C 147 0.01 -28.22 -47.79
C PRO C 147 0.47 -29.40 -46.96
N ARG C 148 0.32 -29.28 -45.65
CA ARG C 148 0.77 -30.29 -44.70
C ARG C 148 -0.02 -31.60 -44.82
N GLU C 149 -1.35 -31.52 -44.93
CA GLU C 149 -2.21 -32.73 -44.92
C GLU C 149 -1.79 -33.74 -46.00
N ALA C 150 -1.57 -35.00 -45.60
CA ALA C 150 -1.02 -36.02 -46.51
C ALA C 150 -1.18 -37.47 -46.02
N LYS C 151 -1.89 -38.29 -46.80
CA LYS C 151 -2.05 -39.73 -46.51
C LYS C 151 -0.81 -40.54 -46.95
N VAL C 152 -0.39 -41.48 -46.10
CA VAL C 152 0.72 -42.38 -46.40
C VAL C 152 0.30 -43.81 -46.09
N GLN C 153 0.29 -44.70 -47.10
CA GLN C 153 -0.11 -46.12 -46.94
C GLN C 153 1.03 -47.10 -47.19
N TRP C 154 1.31 -47.93 -46.18
CA TRP C 154 2.26 -49.04 -46.30
C TRP C 154 1.54 -50.31 -46.79
N LYS C 155 2.15 -51.05 -47.72
CA LYS C 155 1.65 -52.35 -48.17
C LYS C 155 2.79 -53.38 -48.29
N VAL C 156 2.66 -54.51 -47.59
CA VAL C 156 3.57 -55.65 -47.70
C VAL C 156 2.87 -56.78 -48.48
N ASP C 157 3.27 -56.98 -49.74
CA ASP C 157 2.65 -57.96 -50.66
C ASP C 157 1.14 -57.67 -50.78
N ASN C 158 0.83 -56.44 -51.18
CA ASN C 158 -0.54 -55.89 -51.18
C ASN C 158 -1.30 -55.85 -49.82
N ALA C 159 -0.78 -56.49 -48.75
CA ALA C 159 -1.42 -56.47 -47.44
C ALA C 159 -1.27 -55.10 -46.79
N LEU C 160 -2.38 -54.36 -46.68
CA LEU C 160 -2.39 -53.02 -46.09
C LEU C 160 -1.97 -53.11 -44.63
N GLN C 161 -0.76 -52.65 -44.34
CA GLN C 161 -0.27 -52.55 -42.98
C GLN C 161 -0.96 -51.36 -42.32
N SER C 162 -1.53 -51.61 -41.15
CA SER C 162 -2.42 -50.67 -40.48
C SER C 162 -2.32 -50.92 -38.98
N GLY C 163 -1.60 -50.04 -38.29
CA GLY C 163 -1.44 -50.12 -36.85
C GLY C 163 0.00 -50.21 -36.38
N ASN C 164 0.89 -50.77 -37.21
CA ASN C 164 2.28 -51.08 -36.79
C ASN C 164 3.32 -50.10 -37.39
N SER C 165 2.98 -48.80 -37.40
CA SER C 165 3.78 -47.81 -38.11
C SER C 165 3.51 -46.37 -37.68
N GLN C 166 4.52 -45.70 -37.14
CA GLN C 166 4.40 -44.37 -36.58
C GLN C 166 4.97 -43.30 -37.53
N GLU C 167 4.33 -42.14 -37.55
CA GLU C 167 4.75 -41.01 -38.38
C GLU C 167 5.43 -39.91 -37.55
N SER C 168 6.02 -38.93 -38.25
CA SER C 168 6.55 -37.71 -37.63
C SER C 168 6.74 -36.65 -38.70
N VAL C 169 6.30 -35.43 -38.41
CA VAL C 169 6.40 -34.33 -39.38
C VAL C 169 7.28 -33.23 -38.82
N THR C 170 7.94 -32.51 -39.72
CA THR C 170 8.73 -31.34 -39.32
C THR C 170 7.83 -30.14 -39.11
N GLU C 171 8.32 -29.20 -38.31
CA GLU C 171 7.71 -27.88 -38.20
C GLU C 171 8.00 -27.14 -39.50
N GLN C 172 7.07 -26.27 -39.90
CA GLN C 172 7.14 -25.59 -41.20
C GLN C 172 8.44 -24.80 -41.33
N ASP C 173 9.12 -24.93 -42.46
CA ASP C 173 10.47 -24.39 -42.65
C ASP C 173 10.44 -22.87 -42.74
N SER C 174 11.36 -22.22 -42.02
CA SER C 174 11.47 -20.75 -42.02
C SER C 174 11.92 -20.20 -43.39
N LYS C 175 12.80 -20.93 -44.07
CA LYS C 175 13.33 -20.54 -45.40
C LYS C 175 12.26 -20.68 -46.54
N ASP C 176 11.78 -21.92 -46.75
CA ASP C 176 10.95 -22.23 -47.92
C ASP C 176 9.46 -22.51 -47.63
N SER C 177 9.07 -22.61 -46.36
CA SER C 177 7.68 -22.89 -45.99
C SER C 177 7.13 -24.24 -46.48
N THR C 178 8.02 -25.23 -46.61
CA THR C 178 7.63 -26.62 -46.88
C THR C 178 7.64 -27.44 -45.60
N TYR C 179 6.94 -28.57 -45.61
CA TYR C 179 7.03 -29.56 -44.56
C TYR C 179 7.73 -30.79 -45.12
N SER C 180 8.12 -31.69 -44.22
CA SER C 180 8.70 -32.99 -44.57
C SER C 180 8.20 -34.07 -43.60
N LEU C 181 7.98 -35.28 -44.10
CA LEU C 181 7.34 -36.35 -43.33
C LEU C 181 8.15 -37.67 -43.33
N SER C 182 8.26 -38.28 -42.15
CA SER C 182 8.84 -39.61 -41.97
C SER C 182 7.71 -40.55 -41.64
N SER C 183 7.80 -41.80 -42.11
CA SER C 183 6.88 -42.87 -41.71
C SER C 183 7.71 -44.13 -41.50
N THR C 184 7.62 -44.71 -40.30
CA THR C 184 8.48 -45.83 -39.86
C THR C 184 7.70 -47.13 -39.51
N LEU C 185 7.70 -48.04 -40.47
CA LEU C 185 7.04 -49.34 -40.37
C LEU C 185 7.96 -50.33 -39.65
N THR C 186 7.51 -50.87 -38.51
CA THR C 186 8.30 -51.83 -37.72
C THR C 186 7.72 -53.23 -37.80
N LEU C 187 8.60 -54.16 -38.20
CA LEU C 187 8.33 -55.61 -38.27
C LEU C 187 9.43 -56.30 -37.47
N SER C 188 9.18 -57.54 -37.05
CA SER C 188 10.24 -58.38 -36.49
C SER C 188 11.17 -58.86 -37.61
N LYS C 189 12.32 -59.41 -37.22
CA LYS C 189 13.24 -60.06 -38.16
C LYS C 189 12.49 -61.12 -38.97
N ALA C 190 11.85 -62.04 -38.23
CA ALA C 190 11.05 -63.13 -38.78
C ALA C 190 10.05 -62.66 -39.84
N ASP C 191 9.18 -61.73 -39.44
CA ASP C 191 8.09 -61.23 -40.30
C ASP C 191 8.62 -60.46 -41.51
N TYR C 192 9.75 -59.74 -41.35
CA TYR C 192 10.39 -59.08 -42.50
C TYR C 192 10.79 -60.12 -43.53
N GLU C 193 11.34 -61.23 -43.04
CA GLU C 193 11.88 -62.29 -43.90
C GLU C 193 10.84 -63.30 -44.43
N LYS C 194 9.54 -63.05 -44.21
CA LYS C 194 8.45 -63.82 -44.85
C LYS C 194 7.95 -63.24 -46.20
N HIS C 195 8.38 -62.05 -46.57
CA HIS C 195 7.69 -61.27 -47.60
C HIS C 195 8.64 -60.62 -48.58
N LYS C 196 8.15 -60.37 -49.79
CA LYS C 196 8.96 -60.05 -50.96
C LYS C 196 8.90 -58.58 -51.43
N VAL C 197 7.69 -58.02 -51.50
CA VAL C 197 7.49 -56.61 -51.97
C VAL C 197 7.03 -55.69 -50.83
N TYR C 198 7.85 -54.68 -50.53
CA TYR C 198 7.50 -53.61 -49.59
C TYR C 198 7.26 -52.32 -50.38
N ALA C 199 6.26 -51.55 -49.97
CA ALA C 199 5.76 -50.43 -50.76
C ALA C 199 5.17 -49.30 -49.93
N CYS C 200 5.28 -48.08 -50.46
CA CYS C 200 4.85 -46.86 -49.79
C CYS C 200 4.07 -45.95 -50.76
N GLU C 201 2.74 -45.87 -50.57
CA GLU C 201 1.84 -45.05 -51.38
C GLU C 201 1.61 -43.71 -50.68
N VAL C 202 1.82 -42.62 -51.42
CA VAL C 202 1.47 -41.28 -50.94
C VAL C 202 0.25 -40.81 -51.72
N THR C 203 -0.65 -40.09 -51.03
CA THR C 203 -1.66 -39.26 -51.70
C THR C 203 -1.55 -37.86 -51.11
N HIS C 204 -1.61 -36.86 -51.99
CA HIS C 204 -1.34 -35.47 -51.62
C HIS C 204 -1.88 -34.54 -52.69
N GLN C 205 -2.36 -33.37 -52.28
CA GLN C 205 -3.06 -32.44 -53.17
C GLN C 205 -2.20 -31.98 -54.36
N GLY C 206 -0.90 -31.82 -54.13
CA GLY C 206 0.06 -31.51 -55.19
C GLY C 206 0.25 -32.53 -56.30
N LEU C 207 -0.12 -33.79 -56.05
CA LEU C 207 -0.05 -34.86 -57.07
C LEU C 207 -1.32 -34.93 -57.93
N SER C 208 -1.15 -35.30 -59.20
CA SER C 208 -2.30 -35.57 -60.08
C SER C 208 -2.99 -36.90 -59.73
N SER C 209 -2.22 -37.87 -59.24
CA SER C 209 -2.79 -39.11 -58.68
C SER C 209 -1.78 -39.78 -57.74
N PRO C 210 -2.23 -40.68 -56.84
CA PRO C 210 -1.32 -41.33 -55.88
C PRO C 210 -0.04 -41.93 -56.46
N VAL C 211 1.09 -41.71 -55.78
CA VAL C 211 2.43 -42.15 -56.22
C VAL C 211 2.94 -43.22 -55.28
N THR C 212 3.66 -44.20 -55.84
CA THR C 212 4.14 -45.37 -55.10
C THR C 212 5.63 -45.64 -55.32
N LYS C 213 6.41 -45.66 -54.24
CA LYS C 213 7.83 -46.06 -54.28
C LYS C 213 7.98 -47.32 -53.44
N SER C 214 8.53 -48.36 -54.04
CA SER C 214 8.46 -49.71 -53.47
C SER C 214 9.66 -50.56 -53.85
N PHE C 215 10.39 -51.07 -52.87
CA PHE C 215 11.54 -51.93 -53.13
C PHE C 215 11.12 -53.40 -53.00
N ASN C 216 11.69 -54.25 -53.85
CA ASN C 216 11.59 -55.72 -53.72
C ASN C 216 12.78 -56.18 -52.88
N ARG C 217 12.50 -56.96 -51.84
CA ARG C 217 13.54 -57.39 -50.90
C ARG C 217 14.67 -58.16 -51.59
N GLY C 218 15.92 -57.78 -51.31
CA GLY C 218 17.09 -58.38 -51.95
C GLY C 218 17.53 -57.69 -53.22
N GLU C 219 16.57 -57.28 -54.06
CA GLU C 219 16.81 -56.87 -55.45
C GLU C 219 17.37 -55.45 -55.57
N CYS C 220 18.72 -55.36 -55.67
CA CYS C 220 19.50 -54.12 -55.86
C CYS C 220 18.74 -52.79 -55.75
C1 NAG D . 11.22 1.49 38.01
C2 NAG D . 10.28 0.28 38.10
C3 NAG D . 10.86 -1.12 38.35
C4 NAG D . 12.34 -1.28 38.04
C5 NAG D . 13.04 0.02 38.41
C6 NAG D . 14.55 -0.03 38.24
C7 NAG D . 8.22 1.09 39.07
C8 NAG D . 7.43 1.38 40.31
N2 NAG D . 9.43 0.59 39.23
O3 NAG D . 10.14 -2.06 37.57
O4 NAG D . 12.83 -2.42 38.80
O5 NAG D . 12.51 1.08 37.60
O6 NAG D . 14.90 -0.19 36.86
O7 NAG D . 7.77 1.30 37.95
C1 NAG D . 13.09 -3.19 37.71
C2 NAG D . 14.38 -3.96 38.05
C3 NAG D . 14.60 -5.08 37.01
C4 NAG D . 13.33 -5.96 36.91
C5 NAG D . 12.16 -5.05 36.47
C6 NAG D . 10.84 -5.78 36.13
C7 NAG D . 16.06 -2.45 39.22
C8 NAG D . 17.26 -1.57 39.01
N2 NAG D . 15.55 -3.05 38.11
O3 NAG D . 15.77 -5.87 37.30
O4 NAG D . 13.52 -7.07 36.02
O5 NAG D . 11.95 -4.05 37.49
O6 NAG D . 10.23 -6.32 37.30
O7 NAG D . 15.60 -2.59 40.37
C1 NAG E . -12.85 5.05 8.19
C2 NAG E . -11.64 4.14 8.44
C3 NAG E . -11.95 2.75 9.04
C4 NAG E . -13.05 2.74 10.11
C5 NAG E . -14.16 3.72 9.74
C6 NAG E . -15.13 3.89 10.91
C7 NAG E . -9.84 4.49 6.82
C8 NAG E . -9.33 4.14 5.45
N2 NAG E . -10.99 3.93 7.15
O3 NAG E . -10.75 2.19 9.61
O4 NAG E . -13.55 1.38 10.15
O5 NAG E . -13.66 5.03 9.37
O6 NAG E . -16.36 4.43 10.40
O7 NAG E . -9.24 5.24 7.57
C1 NAG E . -13.52 0.69 11.42
C2 NAG E . -14.68 -0.33 11.39
C3 NAG E . -14.69 -1.28 12.60
C4 NAG E . -13.32 -1.83 12.97
C5 NAG E . -12.28 -0.70 12.97
C6 NAG E . -10.84 -1.14 13.31
C7 NAG E . -16.58 0.54 10.09
C8 NAG E . -17.91 1.26 10.17
N2 NAG E . -15.96 0.35 11.27
O3 NAG E . -15.53 -2.40 12.31
O4 NAG E . -13.40 -2.52 14.24
O5 NAG E . -12.30 -0.03 11.69
O6 NAG E . -10.69 -2.57 13.38
O7 NAG E . -16.13 0.15 9.02
C1 NAG F . 28.83 14.03 17.18
C2 NAG F . 28.74 13.93 15.64
C3 NAG F . 29.28 15.19 14.95
C4 NAG F . 28.67 16.46 15.54
C5 NAG F . 29.00 16.51 17.04
C6 NAG F . 28.38 17.74 17.72
C7 NAG F . 28.94 11.81 14.26
C8 NAG F . 29.89 10.70 13.86
N2 NAG F . 29.45 12.75 15.11
O3 NAG F . 29.04 15.15 13.53
O4 NAG F . 29.15 17.61 14.84
O5 NAG F . 28.52 15.34 17.71
O6 NAG F . 26.94 17.76 17.56
O7 NAG F . 27.77 11.84 13.83
#